data_8IUZ
#
_entry.id   8IUZ
#
_cell.length_a   1.00
_cell.length_b   1.00
_cell.length_c   1.00
_cell.angle_alpha   90.00
_cell.angle_beta   90.00
_cell.angle_gamma   90.00
#
_symmetry.space_group_name_H-M   'P 1'
#
loop_
_entity.id
_entity.type
_entity.pdbx_description
1 polymer Hemagglutinin
2 polymer '2D7 Fab heavy chain'
3 polymer '2D7 Fab light chain'
4 non-polymer 2-acetamido-2-deoxy-beta-D-glucopyranose
#
loop_
_entity_poly.entity_id
_entity_poly.type
_entity_poly.pdbx_seq_one_letter_code
_entity_poly.pdbx_strand_id
1 'polypeptide(L)'
;DKICLGHHAVSNGTKVNTLTERGVEVVNATETVERTNTPRICSKGKRTVDLGQCGLLGTITGPPQCDQFLEFSADLIIER
REGSDVCYPGKFVNEEALRQILRESGGIDKESMGFTYNGIRTNGVTSACRRSGSSFYAEMKWLLSNTDNAAFPQMTKSYK
NTRESPAIIVWGIHHSVSTAEQTKLYGSGNKLVTVGSSNYQQSFVPSPGARPQVNGLSGRIDFHWLILNPNDTVTFSFNG
AFIAPDRASFLRGKSMGIQSGVQVDANCEGDCYHSGGTIISNLPFQNIDSRAVGKCPRYVKQRSLLLATGMKNVPEVPKG
KRTARGLFGAIAGFIENGWEGLIDGWYGFRHQNAQGEGTAADYKSTQSAIDQITGKLNRLIAKTNQQFKLIDNEFNEVEK
QIGNVINWTRDSITEVWSYNAELLVAMENQHTIDLADSEMDKLYERVKRQLRENAEEDGTGCFEIFHKCDDDCMASIRNN
TYDHRKYREEAMQN
;
A
2 'polypeptide(L)'
;MVQLQESGPGLVKPSQSLSLTCTVTGYSITSDYTWNWIRQFPGNKLEWMGYISYSGSTSYNPSLKSRMSITRDTSKNQFL
LQLNSVTTADTATYYCTRDGPYWHIDVWGAGTTVTVSS
;
B
3 'polypeptide(L)'
;DIQMNQSPSSLSASLGDTITITCHASQTINIWLSWYQLKPGNIPKLLIYKASNLHTGVPSRFSGSGSGTGFTLTISSLQP
EDIASYYCQQGQSFPYTFGGGTKLEIK
;
C
#
loop_
_chem_comp.id
_chem_comp.type
_chem_comp.name
_chem_comp.formula
NAG D-saccharide, beta linking 2-acetamido-2-deoxy-beta-D-glucopyranose 'C8 H15 N O6'
#
# COMPACT_ATOMS: atom_id res chain seq x y z
N ASP A 1 68.78 26.03 16.76
CA ASP A 1 69.88 25.83 15.85
C ASP A 1 69.36 25.08 14.65
N LYS A 2 68.10 24.64 14.70
CA LYS A 2 67.37 24.28 13.51
C LYS A 2 65.90 24.18 13.85
N ILE A 3 65.07 24.51 12.87
CA ILE A 3 63.63 24.46 13.03
C ILE A 3 63.06 23.73 11.82
N CYS A 4 62.93 22.42 11.92
CA CYS A 4 62.44 21.61 10.83
C CYS A 4 60.94 21.79 10.69
N LEU A 5 60.34 21.08 9.74
CA LEU A 5 58.95 21.33 9.42
C LEU A 5 58.44 20.04 8.80
N GLY A 6 57.19 19.67 9.10
CA GLY A 6 56.75 18.38 8.63
C GLY A 6 55.26 18.28 8.48
N HIS A 7 54.77 17.08 8.19
CA HIS A 7 53.34 16.82 8.15
C HIS A 7 53.03 15.63 9.04
N HIS A 8 51.81 15.10 8.92
CA HIS A 8 51.40 14.05 9.82
C HIS A 8 51.13 12.77 9.03
N ALA A 9 51.43 11.64 9.67
CA ALA A 9 51.23 10.34 9.04
C ALA A 9 50.70 9.37 10.07
N VAL A 10 50.06 8.32 9.58
CA VAL A 10 49.60 7.23 10.42
C VAL A 10 50.31 5.96 9.99
N SER A 11 49.97 4.86 10.64
CA SER A 11 50.56 3.58 10.26
C SER A 11 49.78 2.93 9.12
N ASN A 12 48.47 2.81 9.26
CA ASN A 12 47.62 2.20 8.24
C ASN A 12 46.82 3.28 7.54
N GLY A 13 47.05 3.46 6.24
CA GLY A 13 46.26 4.32 5.41
C GLY A 13 45.12 3.57 4.73
N THR A 14 44.58 4.20 3.70
CA THR A 14 43.54 3.59 2.90
C THR A 14 43.94 3.81 1.45
N LYS A 15 43.50 2.94 0.54
CA LYS A 15 44.02 2.97 -0.82
C LYS A 15 42.98 3.48 -1.80
N VAL A 16 43.26 4.63 -2.42
CA VAL A 16 42.34 5.34 -3.31
C VAL A 16 42.98 5.56 -4.69
N ASN A 17 42.12 5.49 -5.70
CA ASN A 17 42.46 5.75 -7.09
C ASN A 17 42.46 7.23 -7.36
N THR A 18 43.60 7.81 -7.70
CA THR A 18 43.62 9.16 -8.24
C THR A 18 43.42 9.08 -9.75
N LEU A 19 43.78 10.17 -10.42
CA LEU A 19 43.57 10.28 -11.86
C LEU A 19 44.76 9.75 -12.64
N THR A 20 45.91 9.62 -11.97
CA THR A 20 47.12 9.06 -12.54
C THR A 20 47.69 7.85 -11.79
N GLU A 21 46.87 7.10 -11.03
CA GLU A 21 47.29 5.85 -10.37
C GLU A 21 46.12 4.90 -10.20
N ARG A 22 46.44 3.77 -9.57
CA ARG A 22 45.52 2.95 -8.81
C ARG A 22 46.08 2.83 -7.40
N GLY A 23 45.23 3.01 -6.39
CA GLY A 23 45.61 2.71 -5.02
C GLY A 23 46.72 3.53 -4.38
N VAL A 24 46.44 4.78 -4.02
CA VAL A 24 47.41 5.60 -3.31
C VAL A 24 47.05 5.56 -1.82
N GLU A 25 48.07 5.52 -0.97
CA GLU A 25 47.83 5.39 0.46
C GLU A 25 47.54 6.75 1.06
N VAL A 26 46.34 6.89 1.61
CA VAL A 26 45.78 8.17 2.04
C VAL A 26 45.23 8.02 3.46
N VAL A 27 45.43 9.08 4.27
CA VAL A 27 45.29 8.99 5.72
C VAL A 27 43.85 8.70 6.13
N ASN A 28 42.87 9.29 5.46
CA ASN A 28 41.50 8.91 5.73
C ASN A 28 40.75 8.85 4.42
N ALA A 29 39.63 8.14 4.41
CA ALA A 29 38.87 8.01 3.19
C ALA A 29 37.41 7.87 3.54
N THR A 30 36.56 7.82 2.52
CA THR A 30 35.13 7.92 2.74
C THR A 30 34.40 7.15 1.66
N GLU A 31 33.54 6.22 2.05
CA GLU A 31 32.75 5.50 1.08
C GLU A 31 31.72 6.42 0.42
N THR A 32 31.48 6.21 -0.88
CA THR A 32 30.52 7.02 -1.64
C THR A 32 29.43 6.21 -2.31
N VAL A 33 29.39 4.89 -2.11
CA VAL A 33 28.36 4.04 -2.69
C VAL A 33 27.61 3.41 -1.52
N GLU A 34 26.32 3.15 -1.70
CA GLU A 34 25.51 2.58 -0.63
C GLU A 34 25.21 1.12 -0.91
N ARG A 35 25.39 0.27 0.10
CA ARG A 35 25.28 -1.16 -0.10
C ARG A 35 24.25 -1.87 0.77
N THR A 36 23.82 -1.30 1.89
CA THR A 36 23.01 -2.00 2.88
C THR A 36 21.62 -1.39 2.93
N ASN A 37 20.62 -2.14 2.49
CA ASN A 37 19.28 -1.61 2.61
C ASN A 37 18.69 -1.93 3.97
N THR A 38 17.40 -1.61 4.10
CA THR A 38 16.64 -1.92 5.28
C THR A 38 15.42 -2.72 4.86
N PRO A 39 15.29 -4.00 5.26
CA PRO A 39 14.33 -4.92 4.62
C PRO A 39 12.86 -4.72 5.00
N ARG A 40 12.44 -3.46 5.08
CA ARG A 40 11.17 -3.08 5.67
C ARG A 40 10.64 -1.85 4.94
N ILE A 41 9.36 -1.89 4.61
CA ILE A 41 8.70 -0.80 3.91
C ILE A 41 8.48 0.31 4.92
N CYS A 42 9.46 1.20 5.04
CA CYS A 42 9.45 2.25 6.04
C CYS A 42 8.41 3.30 5.67
N SER A 43 7.20 3.16 6.21
CA SER A 43 6.07 3.95 5.75
C SER A 43 5.53 4.83 6.88
N LYS A 44 6.42 5.54 7.56
CA LYS A 44 6.00 6.60 8.46
C LYS A 44 5.31 7.71 7.69
N GLY A 45 4.16 8.15 8.19
CA GLY A 45 3.55 9.35 7.68
C GLY A 45 2.81 9.21 6.38
N LYS A 46 2.53 8.01 5.93
CA LYS A 46 1.81 7.78 4.69
C LYS A 46 0.76 6.72 4.95
N ARG A 47 -0.49 7.02 4.64
CA ARG A 47 -1.53 6.07 5.02
C ARG A 47 -1.55 4.90 4.04
N THR A 48 -0.88 3.83 4.45
CA THR A 48 -0.48 2.72 3.60
C THR A 48 -1.64 1.78 3.41
N VAL A 49 -1.89 1.36 2.18
CA VAL A 49 -2.87 0.31 1.91
C VAL A 49 -2.15 -0.86 1.28
N ASP A 50 -2.02 -1.93 2.05
CA ASP A 50 -1.49 -3.21 1.60
C ASP A 50 -2.66 -4.05 1.09
N LEU A 51 -2.67 -4.31 -0.21
CA LEU A 51 -3.78 -5.05 -0.79
C LEU A 51 -3.75 -6.52 -0.38
N GLY A 52 -2.56 -7.07 -0.21
CA GLY A 52 -2.42 -8.45 0.28
C GLY A 52 -2.85 -9.47 -0.78
N GLN A 53 -3.98 -10.14 -0.53
CA GLN A 53 -4.54 -11.06 -1.51
C GLN A 53 -5.52 -10.32 -2.42
N CYS A 54 -5.51 -9.00 -2.40
CA CYS A 54 -6.32 -8.25 -3.36
C CYS A 54 -5.47 -7.88 -4.57
N GLY A 55 -5.93 -8.29 -5.73
CA GLY A 55 -5.28 -7.85 -6.94
C GLY A 55 -5.87 -6.55 -7.42
N LEU A 56 -4.97 -5.59 -7.65
CA LEU A 56 -5.26 -4.15 -7.72
C LEU A 56 -6.38 -3.80 -8.69
N LEU A 57 -6.50 -4.49 -9.79
CA LEU A 57 -7.59 -4.26 -10.72
C LEU A 57 -8.84 -5.02 -10.34
N GLY A 58 -8.94 -5.52 -9.12
CA GLY A 58 -10.17 -6.16 -8.73
C GLY A 58 -11.11 -5.28 -7.98
N THR A 59 -10.57 -4.28 -7.27
CA THR A 59 -11.33 -3.24 -6.57
C THR A 59 -12.39 -2.61 -7.44
N ILE A 60 -12.09 -2.36 -8.70
CA ILE A 60 -13.06 -1.87 -9.67
C ILE A 60 -14.15 -2.90 -9.97
N THR A 61 -13.91 -4.17 -9.71
CA THR A 61 -14.88 -5.21 -10.05
C THR A 61 -15.49 -5.91 -8.86
N GLY A 62 -14.85 -5.91 -7.71
CA GLY A 62 -15.41 -6.57 -6.57
C GLY A 62 -15.43 -8.10 -6.61
N PRO A 63 -14.29 -8.75 -6.42
CA PRO A 63 -14.31 -10.16 -6.17
C PRO A 63 -14.34 -10.42 -4.68
N PRO A 64 -14.57 -11.67 -4.24
CA PRO A 64 -14.52 -11.97 -2.80
C PRO A 64 -13.22 -11.68 -2.10
N GLN A 65 -12.10 -11.55 -2.77
CA GLN A 65 -10.88 -11.26 -2.04
C GLN A 65 -10.64 -9.78 -1.85
N CYS A 66 -11.59 -8.92 -2.23
CA CYS A 66 -11.35 -7.48 -2.27
C CYS A 66 -12.55 -6.68 -1.77
N ASP A 67 -13.47 -7.31 -1.02
CA ASP A 67 -14.63 -6.59 -0.52
C ASP A 67 -14.25 -5.57 0.53
N GLN A 68 -13.13 -5.77 1.21
CA GLN A 68 -12.64 -4.81 2.17
C GLN A 68 -11.78 -3.71 1.54
N PHE A 69 -11.75 -3.60 0.22
CA PHE A 69 -10.97 -2.54 -0.44
C PHE A 69 -11.71 -1.86 -1.58
N LEU A 70 -13.04 -2.01 -1.66
CA LEU A 70 -13.79 -1.48 -2.79
C LEU A 70 -13.77 0.03 -2.89
N GLU A 71 -13.49 0.76 -1.81
CA GLU A 71 -13.55 2.22 -1.83
C GLU A 71 -12.41 2.82 -1.00
N PHE A 72 -11.19 2.37 -1.21
CA PHE A 72 -10.12 2.65 -0.27
C PHE A 72 -9.58 4.07 -0.42
N SER A 73 -8.48 4.33 0.27
CA SER A 73 -7.79 5.62 0.20
C SER A 73 -6.36 5.43 0.66
N ALA A 74 -5.41 5.91 -0.13
CA ALA A 74 -4.03 5.58 0.16
C ALA A 74 -3.13 6.72 -0.26
N ASP A 75 -1.97 6.78 0.38
CA ASP A 75 -0.84 7.51 -0.16
C ASP A 75 0.30 6.63 -0.60
N LEU A 76 0.22 5.33 -0.33
CA LEU A 76 1.23 4.35 -0.71
C LEU A 76 0.55 3.01 -0.86
N ILE A 77 0.15 2.67 -2.08
CA ILE A 77 -0.47 1.39 -2.38
C ILE A 77 0.66 0.39 -2.51
N ILE A 78 0.41 -0.87 -2.13
CA ILE A 78 1.36 -1.97 -2.28
C ILE A 78 0.59 -3.16 -2.81
N GLU A 79 1.06 -3.73 -3.93
CA GLU A 79 0.57 -5.00 -4.45
C GLU A 79 1.49 -6.12 -4.00
N ARG A 80 0.89 -7.28 -3.75
CA ARG A 80 1.64 -8.44 -3.30
C ARG A 80 1.74 -9.43 -4.45
N ARG A 81 2.65 -10.40 -4.31
CA ARG A 81 2.86 -11.43 -5.32
C ARG A 81 1.59 -12.27 -5.54
N GLU A 82 0.75 -12.38 -4.53
CA GLU A 82 -0.41 -13.25 -4.58
C GLU A 82 -1.71 -12.53 -4.98
N GLY A 83 -1.64 -11.32 -5.52
CA GLY A 83 -2.84 -10.58 -5.83
C GLY A 83 -3.56 -11.12 -7.05
N SER A 84 -4.81 -11.58 -6.87
CA SER A 84 -5.61 -12.07 -7.97
C SER A 84 -6.69 -11.05 -8.32
N ASP A 85 -7.01 -10.96 -9.61
CA ASP A 85 -7.94 -9.93 -10.07
C ASP A 85 -9.32 -10.48 -10.33
N VAL A 86 -9.49 -11.80 -10.38
CA VAL A 86 -10.77 -12.35 -10.77
C VAL A 86 -11.15 -13.50 -9.85
N CYS A 87 -12.39 -13.94 -10.02
CA CYS A 87 -12.89 -15.18 -9.45
C CYS A 87 -13.53 -16.07 -10.49
N TYR A 88 -14.21 -15.50 -11.47
CA TYR A 88 -14.53 -16.27 -12.66
C TYR A 88 -13.29 -16.25 -13.55
N PRO A 89 -13.09 -17.24 -14.42
CA PRO A 89 -11.91 -17.20 -15.29
C PRO A 89 -12.08 -16.16 -16.40
N GLY A 90 -11.14 -15.24 -16.46
CA GLY A 90 -11.23 -14.14 -17.39
C GLY A 90 -10.02 -13.24 -17.26
N LYS A 91 -10.06 -12.13 -17.98
CA LYS A 91 -8.92 -11.24 -18.05
C LYS A 91 -9.41 -9.85 -18.45
N PHE A 92 -8.55 -8.87 -18.24
CA PHE A 92 -8.80 -7.51 -18.68
C PHE A 92 -8.15 -7.24 -20.02
N VAL A 93 -8.22 -6.00 -20.44
CA VAL A 93 -7.70 -5.55 -21.73
C VAL A 93 -6.93 -4.27 -21.47
N ASN A 94 -5.77 -4.12 -22.09
CA ASN A 94 -4.85 -2.99 -21.95
C ASN A 94 -4.39 -2.83 -20.51
N GLU A 95 -4.30 -3.96 -19.83
CA GLU A 95 -4.41 -3.95 -18.39
C GLU A 95 -3.17 -3.47 -17.66
N GLU A 96 -2.02 -3.37 -18.32
CA GLU A 96 -0.89 -2.69 -17.69
C GLU A 96 -1.08 -1.19 -17.63
N ALA A 97 -1.80 -0.60 -18.59
CA ALA A 97 -2.09 0.83 -18.54
C ALA A 97 -3.01 1.18 -17.39
N LEU A 98 -4.13 0.45 -17.26
CA LEU A 98 -5.07 0.63 -16.16
C LEU A 98 -4.43 0.43 -14.80
N ARG A 99 -3.47 -0.47 -14.68
CA ARG A 99 -2.67 -0.57 -13.46
C ARG A 99 -1.77 0.63 -13.25
N GLN A 100 -1.59 1.48 -14.25
CA GLN A 100 -0.76 2.64 -14.00
C GLN A 100 -1.57 3.91 -13.83
N ILE A 101 -2.88 3.86 -14.04
CA ILE A 101 -3.74 4.93 -13.56
C ILE A 101 -3.81 4.88 -12.04
N LEU A 102 -3.89 3.66 -11.50
CA LEU A 102 -4.29 3.43 -10.13
C LEU A 102 -3.14 3.42 -9.15
N ARG A 103 -1.90 3.31 -9.59
CA ARG A 103 -0.81 3.35 -8.62
C ARG A 103 -0.56 4.75 -8.11
N GLU A 104 -1.16 5.77 -8.71
CA GLU A 104 -1.06 7.12 -8.17
C GLU A 104 -2.40 7.72 -7.82
N SER A 105 -3.50 7.00 -8.02
CA SER A 105 -4.81 7.64 -7.95
C SER A 105 -5.21 7.94 -6.51
N GLY A 106 -4.51 7.37 -5.53
CA GLY A 106 -4.80 7.66 -4.14
C GLY A 106 -6.08 7.07 -3.62
N GLY A 107 -6.77 6.25 -4.39
CA GLY A 107 -7.96 5.58 -3.94
C GLY A 107 -8.95 5.43 -5.07
N ILE A 108 -10.19 5.24 -4.68
CA ILE A 108 -11.31 5.20 -5.61
C ILE A 108 -12.52 5.67 -4.83
N ASP A 109 -13.55 6.08 -5.54
CA ASP A 109 -14.82 6.52 -4.97
C ASP A 109 -15.89 6.16 -5.97
N LYS A 110 -16.67 5.13 -5.67
CA LYS A 110 -17.68 4.70 -6.62
C LYS A 110 -18.89 5.60 -6.44
N GLU A 111 -19.80 5.55 -7.39
CA GLU A 111 -21.13 6.14 -7.31
C GLU A 111 -22.05 5.27 -8.13
N SER A 112 -23.33 5.28 -7.82
CA SER A 112 -24.25 4.40 -8.54
C SER A 112 -24.49 4.91 -9.95
N MET A 113 -25.22 4.11 -10.72
CA MET A 113 -25.51 4.43 -12.10
C MET A 113 -26.98 4.28 -12.45
N GLY A 114 -27.68 3.42 -11.73
CA GLY A 114 -29.13 3.44 -11.80
C GLY A 114 -29.75 2.81 -13.02
N PHE A 115 -29.60 1.52 -13.18
CA PHE A 115 -30.24 0.79 -14.27
C PHE A 115 -31.43 0.05 -13.70
N THR A 116 -32.37 -0.34 -14.57
CA THR A 116 -33.53 -1.12 -14.16
C THR A 116 -34.06 -2.01 -15.28
N TYR A 117 -34.22 -3.29 -14.96
CA TYR A 117 -34.43 -4.32 -15.97
C TYR A 117 -35.79 -4.96 -15.74
N ASN A 118 -36.42 -5.44 -16.82
CA ASN A 118 -37.71 -6.11 -16.74
C ASN A 118 -37.93 -6.99 -17.96
N GLY A 119 -38.59 -8.13 -17.74
CA GLY A 119 -38.66 -9.20 -18.72
C GLY A 119 -37.44 -10.10 -18.69
N ILE A 120 -36.55 -9.85 -17.73
CA ILE A 120 -35.17 -10.34 -17.74
C ILE A 120 -34.73 -10.46 -16.29
N ARG A 121 -34.12 -11.59 -15.96
CA ARG A 121 -33.60 -11.80 -14.62
C ARG A 121 -32.30 -11.03 -14.47
N THR A 122 -31.80 -10.95 -13.25
CA THR A 122 -30.58 -10.18 -13.03
C THR A 122 -29.60 -10.93 -12.13
N ASN A 123 -30.01 -12.07 -11.58
CA ASN A 123 -29.20 -12.76 -10.60
C ASN A 123 -28.95 -14.22 -10.98
N GLY A 124 -28.45 -14.45 -12.19
CA GLY A 124 -27.72 -15.67 -12.45
C GLY A 124 -26.49 -15.67 -11.56
N VAL A 125 -26.12 -16.85 -11.06
CA VAL A 125 -25.04 -16.92 -10.07
C VAL A 125 -23.98 -17.93 -10.49
N THR A 126 -22.74 -17.66 -10.12
CA THR A 126 -21.63 -18.54 -10.43
C THR A 126 -21.11 -19.20 -9.16
N SER A 127 -20.53 -20.37 -9.32
CA SER A 127 -20.12 -21.18 -8.18
C SER A 127 -18.63 -21.10 -7.90
N ALA A 128 -18.00 -19.95 -8.13
CA ALA A 128 -16.60 -19.76 -7.78
C ALA A 128 -16.32 -18.42 -7.12
N CYS A 129 -17.27 -17.49 -7.17
CA CYS A 129 -17.09 -16.17 -6.56
C CYS A 129 -17.75 -16.19 -5.19
N ARG A 130 -17.32 -17.15 -4.36
CA ARG A 130 -18.11 -17.65 -3.25
C ARG A 130 -17.88 -16.81 -2.01
N ARG A 131 -18.96 -16.34 -1.42
CA ARG A 131 -18.90 -15.61 -0.16
C ARG A 131 -19.50 -16.42 0.98
N SER A 132 -20.75 -16.83 0.85
CA SER A 132 -21.23 -18.03 1.53
C SER A 132 -21.61 -19.06 0.49
N GLY A 133 -22.14 -18.62 -0.64
CA GLY A 133 -22.41 -19.51 -1.75
C GLY A 133 -22.30 -18.85 -3.09
N SER A 134 -23.23 -19.20 -3.96
CA SER A 134 -23.23 -18.81 -5.35
C SER A 134 -23.53 -17.33 -5.50
N SER A 135 -22.50 -16.54 -5.74
CA SER A 135 -22.62 -15.10 -5.84
C SER A 135 -22.26 -14.71 -7.26
N PHE A 136 -22.05 -13.41 -7.47
CA PHE A 136 -21.32 -12.92 -8.62
C PHE A 136 -20.41 -11.81 -8.09
N TYR A 137 -19.90 -10.96 -8.97
CA TYR A 137 -19.17 -9.79 -8.52
C TYR A 137 -20.11 -8.83 -7.78
N ALA A 138 -19.52 -8.00 -6.93
CA ALA A 138 -20.30 -7.01 -6.20
C ALA A 138 -20.79 -5.89 -7.11
N GLU A 139 -19.98 -5.48 -8.09
CA GLU A 139 -20.19 -4.28 -8.87
C GLU A 139 -21.02 -4.52 -10.11
N MET A 140 -21.11 -5.75 -10.59
CA MET A 140 -21.69 -6.04 -11.87
C MET A 140 -22.86 -6.97 -11.69
N LYS A 141 -23.61 -7.20 -12.75
CA LYS A 141 -24.78 -8.08 -12.68
C LYS A 141 -24.74 -9.02 -13.87
N TRP A 142 -25.80 -9.82 -14.03
CA TRP A 142 -25.77 -10.95 -14.95
C TRP A 142 -27.09 -11.00 -15.69
N LEU A 143 -27.18 -10.28 -16.79
CA LEU A 143 -28.41 -10.10 -17.52
C LEU A 143 -28.73 -11.39 -18.27
N LEU A 144 -29.64 -12.19 -17.72
CA LEU A 144 -29.91 -13.54 -18.19
C LEU A 144 -31.38 -13.65 -18.56
N SER A 145 -31.72 -14.67 -19.33
CA SER A 145 -33.06 -14.80 -19.87
C SER A 145 -34.01 -15.36 -18.82
N ASN A 146 -35.29 -15.07 -18.99
CA ASN A 146 -36.26 -15.43 -17.96
C ASN A 146 -36.81 -16.83 -18.21
N THR A 147 -37.48 -17.03 -19.33
CA THR A 147 -37.85 -18.38 -19.72
C THR A 147 -36.71 -18.97 -20.56
N ASP A 148 -36.23 -20.14 -20.13
CA ASP A 148 -34.83 -20.53 -20.30
C ASP A 148 -34.42 -20.82 -21.74
N ASN A 149 -35.38 -21.01 -22.64
CA ASN A 149 -35.06 -21.11 -24.07
C ASN A 149 -36.00 -20.32 -24.97
N ALA A 150 -36.98 -19.60 -24.43
CA ALA A 150 -38.04 -18.99 -25.23
C ALA A 150 -37.54 -17.78 -26.02
N ALA A 151 -37.10 -16.73 -25.35
CA ALA A 151 -36.64 -15.53 -26.03
C ALA A 151 -35.76 -14.72 -25.10
N PHE A 152 -35.46 -13.50 -25.54
CA PHE A 152 -34.71 -12.47 -24.84
C PHE A 152 -35.03 -11.19 -25.57
N PRO A 153 -35.53 -10.15 -24.90
CA PRO A 153 -35.81 -8.89 -25.61
C PRO A 153 -34.55 -8.06 -25.75
N GLN A 154 -34.53 -7.17 -26.75
CA GLN A 154 -33.35 -6.34 -26.93
C GLN A 154 -33.43 -5.14 -25.98
N MET A 155 -32.30 -4.79 -25.38
CA MET A 155 -32.25 -3.71 -24.39
C MET A 155 -31.46 -2.52 -24.90
N THR A 156 -31.64 -1.40 -24.20
CA THR A 156 -30.87 -0.18 -24.43
C THR A 156 -30.88 0.60 -23.12
N LYS A 157 -29.71 1.00 -22.63
CA LYS A 157 -29.55 1.68 -21.36
C LYS A 157 -28.51 2.77 -21.50
N SER A 158 -28.46 3.69 -20.55
CA SER A 158 -27.55 4.81 -20.68
C SER A 158 -27.18 5.41 -19.32
N TYR A 159 -26.16 6.26 -19.34
CA TYR A 159 -25.65 6.92 -18.15
C TYR A 159 -24.87 8.16 -18.58
N LYS A 160 -25.18 9.28 -17.95
CA LYS A 160 -24.50 10.53 -18.19
C LYS A 160 -23.63 10.89 -17.00
N ASN A 161 -22.32 10.99 -17.21
CA ASN A 161 -21.45 11.54 -16.18
C ASN A 161 -21.87 12.96 -15.85
N THR A 162 -21.82 13.31 -14.57
CA THR A 162 -22.30 14.57 -14.06
C THR A 162 -21.36 15.25 -13.09
N ARG A 163 -20.11 14.83 -13.00
CA ARG A 163 -19.22 15.43 -12.02
C ARG A 163 -18.09 16.20 -12.69
N GLU A 164 -17.17 16.66 -11.87
CA GLU A 164 -15.99 17.36 -12.32
C GLU A 164 -14.87 16.43 -12.76
N SER A 165 -15.02 15.14 -12.53
CA SER A 165 -13.95 14.19 -12.71
C SER A 165 -14.35 13.13 -13.74
N PRO A 166 -13.36 12.53 -14.40
CA PRO A 166 -13.65 11.44 -15.32
C PRO A 166 -13.90 10.13 -14.58
N ALA A 167 -14.83 9.36 -15.09
CA ALA A 167 -15.14 8.05 -14.56
C ALA A 167 -14.11 7.02 -15.01
N ILE A 168 -14.31 5.76 -14.60
CA ILE A 168 -13.67 4.58 -15.18
C ILE A 168 -14.73 3.51 -15.23
N ILE A 169 -15.34 3.33 -16.38
CA ILE A 169 -16.52 2.47 -16.48
C ILE A 169 -16.18 1.20 -17.24
N VAL A 170 -16.55 0.05 -16.67
CA VAL A 170 -16.15 -1.26 -17.17
C VAL A 170 -17.35 -2.20 -17.24
N TRP A 171 -17.56 -2.78 -18.41
CA TRP A 171 -18.67 -3.65 -18.76
C TRP A 171 -18.10 -5.03 -19.06
N GLY A 172 -18.94 -6.00 -19.35
CA GLY A 172 -18.48 -7.35 -19.51
C GLY A 172 -19.22 -8.13 -20.57
N ILE A 173 -18.45 -8.91 -21.33
CA ILE A 173 -18.97 -9.75 -22.40
C ILE A 173 -18.65 -11.20 -22.07
N HIS A 174 -19.62 -12.08 -22.28
CA HIS A 174 -19.61 -13.44 -21.77
C HIS A 174 -19.50 -14.44 -22.92
N HIS A 175 -18.39 -15.16 -22.95
CA HIS A 175 -18.05 -16.12 -23.99
C HIS A 175 -18.56 -17.48 -23.54
N SER A 176 -19.67 -17.90 -24.11
CA SER A 176 -20.34 -19.13 -23.74
C SER A 176 -19.48 -20.33 -24.12
N VAL A 177 -19.77 -21.49 -23.53
CA VAL A 177 -18.89 -22.62 -23.81
C VAL A 177 -19.31 -23.33 -25.09
N SER A 178 -20.54 -23.13 -25.54
CA SER A 178 -21.00 -23.78 -26.76
C SER A 178 -22.13 -22.96 -27.34
N THR A 179 -22.81 -23.54 -28.31
CA THR A 179 -24.10 -23.03 -28.73
C THR A 179 -25.22 -23.80 -28.03
N ALA A 180 -24.91 -24.94 -27.43
CA ALA A 180 -25.88 -25.62 -26.58
C ALA A 180 -26.07 -24.91 -25.25
N GLU A 181 -24.97 -24.44 -24.63
CA GLU A 181 -25.08 -23.51 -23.51
C GLU A 181 -24.91 -22.06 -23.91
N GLN A 182 -25.43 -21.65 -25.05
CA GLN A 182 -25.76 -20.25 -25.21
C GLN A 182 -27.24 -20.12 -25.54
N THR A 183 -27.91 -21.25 -25.79
CA THR A 183 -29.37 -21.22 -25.84
C THR A 183 -29.98 -21.33 -24.46
N LYS A 184 -29.49 -22.26 -23.64
CA LYS A 184 -29.88 -22.41 -22.25
C LYS A 184 -29.73 -21.13 -21.46
N LEU A 185 -28.61 -20.44 -21.57
CA LEU A 185 -28.43 -19.20 -20.86
C LEU A 185 -29.19 -18.03 -21.47
N TYR A 186 -29.27 -17.90 -22.79
CA TYR A 186 -29.71 -16.63 -23.34
C TYR A 186 -30.87 -16.73 -24.33
N GLY A 187 -30.93 -17.75 -25.17
CA GLY A 187 -32.00 -17.78 -26.15
C GLY A 187 -31.65 -18.23 -27.55
N SER A 188 -31.86 -17.38 -28.56
CA SER A 188 -31.49 -17.73 -29.92
C SER A 188 -30.84 -16.52 -30.59
N GLY A 189 -30.52 -16.68 -31.88
CA GLY A 189 -30.02 -15.59 -32.68
C GLY A 189 -28.60 -15.19 -32.35
N ASN A 190 -28.11 -14.21 -33.11
CA ASN A 190 -26.78 -13.68 -32.90
C ASN A 190 -26.78 -12.71 -31.72
N LYS A 191 -25.61 -12.46 -31.16
CA LYS A 191 -25.45 -11.62 -29.98
C LYS A 191 -24.44 -10.52 -30.29
N LEU A 192 -24.76 -9.29 -29.86
CA LEU A 192 -23.91 -8.14 -30.11
C LEU A 192 -24.12 -7.13 -28.99
N VAL A 193 -23.03 -6.58 -28.46
CA VAL A 193 -23.08 -5.62 -27.37
C VAL A 193 -22.45 -4.31 -27.85
N THR A 194 -23.29 -3.30 -28.08
CA THR A 194 -22.90 -2.05 -28.71
C THR A 194 -22.57 -1.04 -27.64
N VAL A 195 -21.34 -0.56 -27.61
CA VAL A 195 -20.86 0.29 -26.54
C VAL A 195 -20.28 1.55 -27.17
N GLY A 196 -21.06 2.63 -27.14
CA GLY A 196 -20.65 3.88 -27.76
C GLY A 196 -20.80 5.14 -26.93
N SER A 197 -19.83 6.02 -27.05
CA SER A 197 -19.84 7.31 -26.38
C SER A 197 -19.39 8.34 -27.42
N SER A 198 -18.89 9.49 -26.94
CA SER A 198 -18.26 10.45 -27.83
C SER A 198 -17.08 9.88 -28.59
N ASN A 199 -16.12 9.28 -27.90
CA ASN A 199 -14.84 8.94 -28.51
C ASN A 199 -14.71 7.44 -28.75
N TYR A 200 -15.83 6.74 -28.98
CA TYR A 200 -15.79 5.30 -28.76
C TYR A 200 -17.00 4.64 -29.42
N GLN A 201 -16.77 3.49 -30.07
CA GLN A 201 -17.82 2.72 -30.74
C GLN A 201 -17.24 1.34 -31.06
N GLN A 202 -17.77 0.27 -30.46
CA GLN A 202 -17.11 -1.03 -30.64
C GLN A 202 -17.95 -2.16 -31.19
N SER A 203 -19.13 -2.42 -30.62
CA SER A 203 -20.04 -3.52 -31.01
C SER A 203 -19.35 -4.89 -30.93
N PHE A 204 -19.11 -5.31 -29.68
CA PHE A 204 -18.47 -6.59 -29.37
C PHE A 204 -19.44 -7.76 -29.49
N VAL A 205 -18.88 -8.96 -29.59
CA VAL A 205 -19.60 -10.16 -30.03
C VAL A 205 -18.98 -11.37 -29.32
N PRO A 206 -19.78 -12.36 -28.86
CA PRO A 206 -19.22 -13.47 -28.09
C PRO A 206 -18.53 -14.51 -28.97
N SER A 207 -17.88 -15.45 -28.29
CA SER A 207 -17.11 -16.51 -28.96
C SER A 207 -17.48 -17.86 -28.36
N PRO A 208 -18.58 -18.46 -28.80
CA PRO A 208 -19.00 -19.73 -28.22
C PRO A 208 -18.10 -20.87 -28.65
N GLY A 209 -17.19 -21.25 -27.76
CA GLY A 209 -16.22 -22.26 -28.09
C GLY A 209 -15.78 -22.99 -26.83
N ALA A 210 -15.18 -24.15 -27.04
CA ALA A 210 -14.65 -24.94 -25.94
C ALA A 210 -13.22 -24.52 -25.64
N ARG A 211 -12.89 -24.46 -24.37
CA ARG A 211 -11.59 -24.00 -23.90
C ARG A 211 -11.11 -25.03 -22.90
N PRO A 212 -9.86 -24.96 -22.45
CA PRO A 212 -9.49 -25.73 -21.27
C PRO A 212 -10.18 -25.20 -20.02
N GLN A 213 -10.22 -26.02 -18.97
CA GLN A 213 -10.84 -25.62 -17.72
C GLN A 213 -9.82 -24.94 -16.83
N VAL A 214 -10.15 -23.75 -16.36
CA VAL A 214 -9.48 -23.16 -15.20
C VAL A 214 -10.40 -23.41 -14.01
N ASN A 215 -9.91 -24.20 -13.05
CA ASN A 215 -10.49 -24.65 -11.79
C ASN A 215 -12.00 -24.87 -11.80
N GLY A 216 -12.49 -25.57 -12.82
CA GLY A 216 -13.85 -26.04 -12.89
C GLY A 216 -14.62 -25.55 -14.09
N LEU A 217 -14.31 -24.36 -14.60
CA LEU A 217 -15.08 -23.73 -15.64
C LEU A 217 -14.25 -23.55 -16.90
N SER A 218 -14.90 -23.73 -18.05
CA SER A 218 -14.30 -23.55 -19.36
C SER A 218 -14.56 -22.19 -19.98
N GLY A 219 -15.80 -21.71 -19.99
CA GLY A 219 -16.13 -20.42 -20.57
C GLY A 219 -15.49 -19.27 -19.81
N ARG A 220 -15.04 -18.28 -20.57
CA ARG A 220 -14.39 -17.11 -19.99
C ARG A 220 -15.40 -15.97 -19.93
N ILE A 221 -14.99 -14.87 -19.31
CA ILE A 221 -15.69 -13.59 -19.34
C ILE A 221 -14.65 -12.50 -19.43
N ASP A 222 -14.77 -11.65 -20.45
CA ASP A 222 -13.82 -10.57 -20.69
C ASP A 222 -14.46 -9.24 -20.32
N PHE A 223 -13.70 -8.39 -19.66
CA PHE A 223 -14.17 -7.06 -19.28
C PHE A 223 -13.29 -6.02 -19.96
N HIS A 224 -13.92 -5.13 -20.71
CA HIS A 224 -13.25 -4.01 -21.32
C HIS A 224 -13.59 -2.76 -20.54
N TRP A 225 -12.89 -1.66 -20.80
CA TRP A 225 -13.13 -0.46 -20.02
C TRP A 225 -12.93 0.79 -20.86
N LEU A 226 -13.77 1.81 -20.64
CA LEU A 226 -13.62 3.10 -21.31
C LEU A 226 -13.40 4.18 -20.26
N ILE A 227 -13.46 5.44 -20.68
CA ILE A 227 -13.46 6.59 -19.78
C ILE A 227 -14.54 7.54 -20.27
N LEU A 228 -15.33 8.10 -19.35
CA LEU A 228 -16.15 9.26 -19.67
C LEU A 228 -15.49 10.54 -19.19
N ASN A 229 -15.85 11.61 -19.85
CA ASN A 229 -15.63 13.00 -19.55
C ASN A 229 -16.91 13.62 -18.99
N PRO A 230 -16.82 14.77 -18.31
CA PRO A 230 -18.04 15.44 -17.83
C PRO A 230 -19.08 15.72 -18.91
N ASN A 231 -20.34 15.51 -18.52
CA ASN A 231 -21.56 15.63 -19.35
C ASN A 231 -21.70 14.55 -20.42
N ASP A 232 -20.73 13.63 -20.51
CA ASP A 232 -20.72 12.72 -21.63
C ASP A 232 -21.57 11.51 -21.29
N THR A 233 -21.98 10.74 -22.29
CA THR A 233 -22.94 9.66 -22.09
C THR A 233 -22.55 8.38 -22.83
N VAL A 234 -22.72 7.24 -22.15
CA VAL A 234 -22.47 5.92 -22.72
C VAL A 234 -23.81 5.25 -22.96
N THR A 235 -23.91 4.41 -23.97
CA THR A 235 -25.12 3.64 -24.21
C THR A 235 -24.73 2.19 -24.47
N PHE A 236 -25.35 1.27 -23.75
CA PHE A 236 -25.13 -0.16 -23.90
C PHE A 236 -26.41 -0.71 -24.51
N SER A 237 -26.28 -1.55 -25.55
CA SER A 237 -27.43 -2.25 -26.10
C SER A 237 -27.02 -3.66 -26.48
N PHE A 238 -27.95 -4.60 -26.33
CA PHE A 238 -27.59 -6.00 -26.32
C PHE A 238 -28.83 -6.87 -26.43
N ASN A 239 -28.65 -8.04 -27.02
CA ASN A 239 -29.67 -9.09 -27.00
C ASN A 239 -29.13 -10.37 -26.37
N GLY A 240 -28.05 -10.29 -25.62
CA GLY A 240 -27.58 -11.42 -24.85
C GLY A 240 -26.16 -11.22 -24.37
N ALA A 241 -25.77 -12.07 -23.42
CA ALA A 241 -24.37 -12.36 -23.07
C ALA A 241 -23.59 -11.14 -22.61
N PHE A 242 -24.27 -10.25 -21.89
CA PHE A 242 -23.67 -9.01 -21.43
C PHE A 242 -23.62 -9.01 -19.91
N ILE A 243 -22.57 -8.43 -19.37
CA ILE A 243 -22.33 -8.36 -17.93
C ILE A 243 -22.19 -6.88 -17.62
N ALA A 244 -23.31 -6.21 -17.29
CA ALA A 244 -23.46 -4.77 -17.10
C ALA A 244 -22.68 -4.31 -15.88
N PRO A 245 -22.27 -3.05 -15.79
CA PRO A 245 -21.81 -2.52 -14.51
C PRO A 245 -23.00 -2.10 -13.69
N ASP A 246 -22.73 -1.66 -12.48
CA ASP A 246 -23.79 -1.02 -11.72
C ASP A 246 -23.30 0.20 -10.99
N ARG A 247 -21.99 0.31 -10.77
CA ARG A 247 -21.39 1.49 -10.21
C ARG A 247 -20.21 1.91 -11.08
N ALA A 248 -20.09 3.20 -11.32
CA ALA A 248 -18.93 3.75 -12.00
C ALA A 248 -17.85 4.03 -10.96
N SER A 249 -16.78 4.72 -11.33
CA SER A 249 -15.63 4.76 -10.45
C SER A 249 -14.83 6.04 -10.67
N PHE A 250 -14.51 6.74 -9.60
CA PHE A 250 -13.90 8.05 -9.70
C PHE A 250 -12.59 7.99 -8.93
N LEU A 251 -11.83 9.07 -8.92
CA LEU A 251 -10.50 9.00 -8.34
C LEU A 251 -10.39 9.94 -7.16
N ARG A 252 -9.24 9.94 -6.52
CA ARG A 252 -9.03 10.82 -5.37
C ARG A 252 -7.88 11.78 -5.51
N GLY A 253 -6.70 11.32 -5.88
CA GLY A 253 -5.56 12.19 -5.65
C GLY A 253 -4.22 11.70 -6.12
N LYS A 254 -3.24 11.77 -5.25
CA LYS A 254 -1.83 11.60 -5.61
C LYS A 254 -1.14 10.66 -4.64
N SER A 255 -0.71 9.51 -5.15
CA SER A 255 0.01 8.50 -4.38
C SER A 255 1.13 7.94 -5.25
N MET A 256 1.86 6.96 -4.71
CA MET A 256 2.82 6.22 -5.52
C MET A 256 2.62 4.72 -5.29
N GLY A 257 3.04 3.94 -6.26
CA GLY A 257 2.92 2.51 -6.15
C GLY A 257 4.26 1.82 -6.09
N ILE A 258 4.39 0.80 -5.25
CA ILE A 258 5.56 -0.06 -5.26
C ILE A 258 5.07 -1.50 -5.34
N GLN A 259 6.05 -2.41 -5.45
CA GLN A 259 5.83 -3.85 -5.38
C GLN A 259 6.93 -4.40 -4.49
N SER A 260 6.57 -5.22 -3.53
CA SER A 260 7.56 -5.81 -2.65
C SER A 260 7.09 -7.16 -2.16
N GLY A 261 7.93 -7.75 -1.31
CA GLY A 261 7.69 -9.04 -0.74
C GLY A 261 8.08 -9.05 0.72
N VAL A 262 8.43 -7.89 1.26
CA VAL A 262 8.68 -7.79 2.69
C VAL A 262 7.57 -7.00 3.34
N GLN A 263 7.62 -6.89 4.66
CA GLN A 263 6.51 -6.50 5.52
C GLN A 263 6.27 -5.00 5.47
N VAL A 264 5.06 -4.60 5.85
CA VAL A 264 4.67 -3.20 6.03
C VAL A 264 5.14 -2.78 7.40
N ASP A 265 5.96 -1.74 7.44
CA ASP A 265 6.47 -1.19 8.70
C ASP A 265 5.86 0.18 8.90
N ALA A 266 5.90 0.69 10.14
CA ALA A 266 5.25 1.96 10.46
C ALA A 266 6.09 2.88 11.35
N ASN A 267 7.23 2.42 11.86
CA ASN A 267 8.04 3.24 12.76
C ASN A 267 9.22 3.89 12.05
N CYS A 268 9.44 3.55 10.79
CA CYS A 268 10.68 3.89 10.11
C CYS A 268 10.45 4.99 9.06
N GLU A 269 11.43 5.89 8.95
CA GLU A 269 11.35 7.06 8.08
C GLU A 269 12.23 6.87 6.85
N GLY A 270 11.62 6.86 5.67
CA GLY A 270 12.37 6.64 4.44
C GLY A 270 11.48 6.78 3.22
N ASP A 271 12.11 6.87 2.05
CA ASP A 271 11.40 7.29 0.84
C ASP A 271 11.77 6.53 -0.44
N CYS A 272 12.75 5.63 -0.41
CA CYS A 272 13.20 4.90 -1.60
C CYS A 272 12.85 3.42 -1.47
N TYR A 273 11.77 3.00 -2.12
CA TYR A 273 11.09 1.75 -1.82
C TYR A 273 11.22 0.79 -2.99
N HIS A 274 12.06 -0.23 -2.85
CA HIS A 274 12.08 -1.33 -3.82
C HIS A 274 11.62 -2.64 -3.17
N SER A 275 11.73 -3.75 -3.89
CA SER A 275 11.08 -4.98 -3.46
C SER A 275 11.82 -5.72 -2.35
N GLY A 276 13.07 -5.38 -2.09
CA GLY A 276 13.80 -5.98 -0.99
C GLY A 276 13.99 -5.01 0.15
N GLY A 277 13.12 -4.01 0.22
CA GLY A 277 13.12 -3.11 1.35
C GLY A 277 13.08 -1.63 1.06
N THR A 278 13.93 -0.88 1.73
CA THR A 278 13.97 0.56 1.68
C THR A 278 15.41 1.00 1.80
N ILE A 279 15.84 1.94 0.97
CA ILE A 279 17.20 2.44 1.00
C ILE A 279 17.16 3.77 1.73
N ILE A 280 18.12 4.02 2.61
CA ILE A 280 18.24 5.28 3.30
C ILE A 280 19.73 5.59 3.44
N SER A 281 20.15 6.76 2.93
CA SER A 281 21.55 7.10 2.87
C SER A 281 21.70 8.58 2.58
N ASN A 282 22.82 9.15 3.02
CA ASN A 282 23.30 10.45 2.57
C ASN A 282 24.28 10.36 1.41
N LEU A 283 24.57 9.16 0.91
CA LEU A 283 25.56 8.99 -0.13
C LEU A 283 24.87 9.04 -1.50
N PRO A 284 25.55 9.57 -2.52
CA PRO A 284 24.85 9.82 -3.79
C PRO A 284 24.64 8.61 -4.66
N PHE A 285 25.24 7.47 -4.34
CA PHE A 285 25.35 6.30 -5.21
C PHE A 285 24.93 5.05 -4.45
N GLN A 286 24.28 4.12 -5.14
CA GLN A 286 23.89 2.86 -4.51
C GLN A 286 24.01 1.71 -5.49
N ASN A 287 24.60 0.61 -5.01
CA ASN A 287 24.72 -0.63 -5.76
C ASN A 287 23.69 -1.65 -5.30
N ILE A 288 22.50 -1.19 -4.93
CA ILE A 288 21.53 -2.05 -4.26
C ILE A 288 20.49 -2.59 -5.23
N ASP A 289 19.80 -1.70 -5.94
CA ASP A 289 18.89 -2.17 -6.98
C ASP A 289 18.72 -1.06 -8.00
N SER A 290 18.28 -1.43 -9.20
CA SER A 290 18.04 -0.49 -10.27
C SER A 290 16.62 -0.52 -10.81
N ARG A 291 15.65 -0.94 -10.01
CA ARG A 291 14.26 -0.64 -10.27
C ARG A 291 13.65 0.04 -9.05
N ALA A 292 14.49 0.79 -8.35
CA ALA A 292 14.12 1.46 -7.12
C ALA A 292 13.33 2.73 -7.41
N VAL A 293 12.10 2.79 -6.91
CA VAL A 293 11.21 3.91 -7.17
C VAL A 293 11.23 4.82 -5.95
N GLY A 294 10.66 6.01 -6.11
CA GLY A 294 10.73 7.05 -5.10
C GLY A 294 11.78 8.09 -5.44
N LYS A 295 12.43 8.59 -4.39
CA LYS A 295 13.50 9.58 -4.57
C LYS A 295 14.79 9.00 -4.03
N CYS A 296 15.46 8.21 -4.87
CA CYS A 296 16.58 7.36 -4.48
C CYS A 296 17.88 8.04 -4.83
N PRO A 297 19.03 7.44 -4.47
CA PRO A 297 20.24 7.74 -5.21
C PRO A 297 20.27 6.95 -6.51
N ARG A 298 21.39 7.00 -7.21
CA ARG A 298 21.36 6.47 -8.56
C ARG A 298 22.21 5.22 -8.67
N TYR A 299 21.69 4.25 -9.43
CA TYR A 299 22.31 2.94 -9.53
C TYR A 299 23.58 2.99 -10.35
N VAL A 300 24.70 2.66 -9.72
CA VAL A 300 25.96 2.47 -10.40
C VAL A 300 26.23 0.98 -10.49
N LYS A 301 27.30 0.62 -11.19
CA LYS A 301 27.72 -0.77 -11.26
C LYS A 301 28.89 -1.08 -10.35
N GLN A 302 29.72 -0.09 -10.04
CA GLN A 302 30.72 -0.29 -9.01
C GLN A 302 30.07 -0.55 -7.65
N ARG A 303 30.83 -1.14 -6.74
CA ARG A 303 30.37 -1.37 -5.38
C ARG A 303 31.16 -0.61 -4.34
N SER A 304 32.35 -0.13 -4.68
CA SER A 304 33.09 0.71 -3.75
C SER A 304 33.81 1.78 -4.54
N LEU A 305 33.76 3.03 -4.06
CA LEU A 305 34.43 4.16 -4.69
C LEU A 305 34.88 5.10 -3.60
N LEU A 306 36.09 4.94 -3.11
CA LEU A 306 36.52 5.68 -1.94
C LEU A 306 36.99 7.06 -2.32
N LEU A 307 36.65 8.01 -1.46
CA LEU A 307 36.89 9.43 -1.66
C LEU A 307 37.86 9.88 -0.60
N ALA A 308 38.90 10.60 -0.96
CA ALA A 308 39.94 10.92 0.01
C ALA A 308 39.42 11.97 0.96
N THR A 309 39.98 11.99 2.16
CA THR A 309 39.81 13.14 3.05
C THR A 309 41.05 13.38 3.90
N GLY A 310 42.23 13.04 3.40
CA GLY A 310 43.45 13.41 4.06
C GLY A 310 44.54 13.50 3.03
N MET A 311 45.75 13.78 3.49
CA MET A 311 46.86 13.95 2.57
C MET A 311 47.41 12.59 2.15
N LYS A 312 48.55 12.60 1.47
CA LYS A 312 49.19 11.34 1.11
C LYS A 312 49.92 10.75 2.30
N ASN A 313 49.67 9.48 2.56
CA ASN A 313 50.23 8.82 3.74
C ASN A 313 51.64 8.36 3.41
N VAL A 314 52.61 9.00 4.05
CA VAL A 314 54.02 8.68 3.87
C VAL A 314 54.57 8.28 5.23
N PRO A 315 54.63 7.00 5.57
CA PRO A 315 55.14 6.60 6.88
C PRO A 315 56.66 6.69 6.92
N GLU A 316 57.22 6.26 8.04
CA GLU A 316 58.67 6.07 8.08
C GLU A 316 59.03 4.59 8.27
N LEU A 327 52.17 17.95 -6.81
CA LEU A 327 52.52 18.85 -7.89
C LEU A 327 53.60 19.82 -7.46
N PHE A 328 53.72 20.00 -6.14
CA PHE A 328 54.59 21.03 -5.58
C PHE A 328 55.85 20.48 -4.94
N GLY A 329 55.93 19.16 -4.74
CA GLY A 329 57.15 18.55 -4.27
C GLY A 329 57.51 18.86 -2.83
N ALA A 330 56.58 18.72 -1.90
CA ALA A 330 56.92 18.70 -0.48
C ALA A 330 56.26 17.55 0.26
N ILE A 331 55.03 17.18 -0.10
CA ILE A 331 54.41 15.95 0.40
C ILE A 331 54.83 14.84 -0.55
N ALA A 332 55.52 13.83 -0.01
CA ALA A 332 56.36 12.90 -0.79
C ALA A 332 57.30 13.69 -1.71
N GLY A 333 58.14 14.52 -1.08
CA GLY A 333 58.91 15.49 -1.81
C GLY A 333 60.31 15.65 -1.29
N PHE A 334 60.72 16.87 -0.97
CA PHE A 334 62.02 17.06 -0.35
C PHE A 334 61.91 17.08 1.15
N ILE A 335 60.69 16.97 1.68
CA ILE A 335 60.45 16.55 3.06
C ILE A 335 60.05 15.08 2.99
N GLU A 336 60.92 14.20 3.49
CA GLU A 336 60.89 12.78 3.11
C GLU A 336 59.68 12.03 3.62
N ASN A 337 59.54 11.92 4.93
CA ASN A 337 58.55 11.07 5.58
C ASN A 337 57.55 11.95 6.31
N GLY A 338 56.43 11.36 6.68
CA GLY A 338 55.50 12.05 7.56
C GLY A 338 55.95 11.96 9.00
N TRP A 339 55.13 12.46 9.92
CA TRP A 339 55.34 12.24 11.33
C TRP A 339 54.22 11.37 11.87
N GLU A 340 54.57 10.44 12.75
CA GLU A 340 53.59 9.72 13.54
C GLU A 340 53.59 10.19 14.98
N GLY A 341 54.63 10.91 15.39
CA GLY A 341 54.69 11.55 16.69
C GLY A 341 54.10 12.95 16.70
N LEU A 342 53.30 13.29 15.71
CA LEU A 342 52.58 14.56 15.71
C LEU A 342 51.10 14.25 15.63
N ILE A 343 50.35 14.66 16.65
CA ILE A 343 49.00 14.16 16.85
C ILE A 343 47.97 15.29 16.94
N ASP A 344 48.40 16.55 17.11
CA ASP A 344 47.44 17.64 17.12
C ASP A 344 47.24 18.28 15.73
N GLY A 345 48.29 18.89 15.18
CA GLY A 345 48.13 19.57 13.92
C GLY A 345 48.25 18.61 12.75
N TRP A 346 48.01 19.14 11.55
CA TRP A 346 48.47 18.43 10.36
C TRP A 346 49.88 18.80 9.99
N TYR A 347 50.27 20.04 10.21
CA TYR A 347 51.56 20.52 9.77
C TYR A 347 52.18 21.17 10.98
N GLY A 348 53.36 20.73 11.39
CA GLY A 348 53.83 21.30 12.61
C GLY A 348 55.28 21.69 12.46
N PHE A 349 55.91 21.90 13.60
CA PHE A 349 57.29 22.31 13.69
C PHE A 349 58.07 21.24 14.42
N ARG A 350 59.36 21.50 14.60
CA ARG A 350 60.25 20.70 15.42
C ARG A 350 61.50 21.53 15.59
N HIS A 351 62.01 21.63 16.79
CA HIS A 351 63.23 22.42 16.89
C HIS A 351 64.32 21.60 17.54
N GLN A 352 65.44 22.26 17.80
CA GLN A 352 66.63 21.64 18.36
C GLN A 352 67.54 22.79 18.75
N ASN A 353 67.99 22.81 20.00
CA ASN A 353 68.84 23.89 20.49
C ASN A 353 69.65 23.36 21.65
N ALA A 354 70.33 24.26 22.37
CA ALA A 354 71.13 23.85 23.53
C ALA A 354 70.27 23.40 24.70
N GLN A 355 68.96 23.66 24.68
CA GLN A 355 68.08 23.26 25.76
C GLN A 355 67.15 22.12 25.38
N GLY A 356 67.45 21.37 24.32
CA GLY A 356 66.66 20.16 24.14
C GLY A 356 66.02 19.92 22.79
N GLU A 357 64.70 19.97 22.76
CA GLU A 357 63.91 19.55 21.62
C GLU A 357 62.51 20.10 21.84
N GLY A 358 61.71 20.13 20.78
CA GLY A 358 60.30 20.35 20.99
C GLY A 358 59.48 20.37 19.73
N THR A 359 58.41 19.59 19.72
CA THR A 359 57.51 19.52 18.60
C THR A 359 56.24 20.29 18.93
N ALA A 360 55.86 21.20 18.06
CA ALA A 360 54.63 21.94 18.20
C ALA A 360 53.73 21.58 17.04
N ALA A 361 52.65 22.32 16.90
CA ALA A 361 51.82 22.18 15.72
C ALA A 361 51.52 23.57 15.21
N ASP A 362 50.79 23.64 14.10
CA ASP A 362 50.37 24.90 13.52
C ASP A 362 48.93 24.78 13.07
N TYR A 363 48.09 25.70 13.58
CA TYR A 363 46.64 25.62 13.53
C TYR A 363 46.02 26.27 12.31
N LYS A 364 46.51 27.47 11.95
CA LYS A 364 45.95 28.26 10.87
C LYS A 364 45.97 27.54 9.54
N SER A 365 47.06 26.87 9.19
CA SER A 365 47.17 26.05 8.00
C SER A 365 46.40 24.75 8.09
N THR A 366 46.31 24.19 9.31
CA THR A 366 45.58 22.96 9.54
C THR A 366 44.08 23.16 9.28
N GLN A 367 43.51 24.20 9.87
CA GLN A 367 42.11 24.51 9.57
C GLN A 367 41.93 25.16 8.22
N SER A 368 42.99 25.64 7.58
CA SER A 368 42.90 26.04 6.19
C SER A 368 42.65 24.87 5.27
N ALA A 369 43.05 23.67 5.67
CA ALA A 369 42.98 22.47 4.84
C ALA A 369 41.74 21.65 5.10
N ILE A 370 41.28 21.59 6.36
CA ILE A 370 40.20 20.68 6.74
C ILE A 370 38.87 21.13 6.15
N ASP A 371 38.63 22.44 6.13
CA ASP A 371 37.35 22.96 5.67
C ASP A 371 37.17 22.87 4.17
N GLN A 372 38.26 22.96 3.40
CA GLN A 372 38.17 22.78 1.96
C GLN A 372 37.78 21.36 1.58
N ILE A 373 38.30 20.36 2.29
CA ILE A 373 37.82 19.00 2.10
C ILE A 373 36.39 18.90 2.58
N THR A 374 36.10 19.55 3.70
CA THR A 374 34.73 19.66 4.20
C THR A 374 33.86 20.39 3.20
N GLY A 375 34.42 21.38 2.51
CA GLY A 375 33.78 21.95 1.34
C GLY A 375 33.50 20.92 0.26
N LYS A 376 34.50 20.10 -0.09
CA LYS A 376 34.31 19.06 -1.08
C LYS A 376 33.34 17.99 -0.61
N LEU A 377 33.42 17.63 0.68
CA LEU A 377 32.48 16.69 1.26
C LEU A 377 31.05 17.20 1.22
N ASN A 378 30.80 18.41 1.72
CA ASN A 378 29.42 18.89 1.79
C ASN A 378 28.86 19.23 0.43
N ARG A 379 29.70 19.54 -0.55
CA ARG A 379 29.26 19.63 -1.93
C ARG A 379 28.81 18.28 -2.48
N LEU A 380 29.57 17.23 -2.20
CA LEU A 380 29.23 15.91 -2.72
C LEU A 380 28.09 15.27 -1.96
N ILE A 381 28.05 15.42 -0.64
CA ILE A 381 26.94 14.88 0.13
C ILE A 381 25.72 15.78 -0.07
N ALA A 382 24.85 15.37 -0.98
CA ALA A 382 23.65 16.12 -1.33
C ALA A 382 22.59 15.15 -1.81
N LYS A 383 21.40 15.67 -2.12
CA LYS A 383 20.23 14.85 -2.35
C LYS A 383 19.60 15.10 -3.71
N THR A 384 19.01 14.05 -4.26
CA THR A 384 18.18 14.14 -5.46
C THR A 384 16.82 14.68 -5.03
N ASN A 385 16.20 15.49 -5.88
CA ASN A 385 14.83 15.91 -5.67
C ASN A 385 13.89 15.30 -6.70
N GLN A 386 14.31 14.24 -7.39
CA GLN A 386 13.61 13.82 -8.59
C GLN A 386 13.04 12.42 -8.41
N GLN A 387 11.74 12.31 -8.62
CA GLN A 387 10.96 11.15 -8.24
C GLN A 387 10.53 10.35 -9.46
N PHE A 388 10.82 9.05 -9.45
CA PHE A 388 10.61 8.18 -10.60
C PHE A 388 9.60 7.10 -10.29
N LYS A 389 8.72 6.84 -11.23
CA LYS A 389 7.56 5.99 -11.06
C LYS A 389 7.86 4.57 -11.52
N LEU A 390 6.79 3.79 -11.73
CA LEU A 390 6.89 2.36 -12.04
C LEU A 390 6.41 2.15 -13.47
N ILE A 391 7.34 1.95 -14.40
CA ILE A 391 6.99 1.76 -15.81
C ILE A 391 6.93 0.30 -16.22
N ASP A 392 7.70 -0.57 -15.58
CA ASP A 392 7.71 -1.97 -15.95
C ASP A 392 7.22 -2.84 -14.79
N ASN A 393 6.37 -3.78 -15.16
CA ASN A 393 5.70 -4.70 -14.24
C ASN A 393 6.73 -5.71 -13.75
N GLU A 394 6.38 -6.45 -12.71
CA GLU A 394 7.27 -7.54 -12.33
C GLU A 394 6.53 -8.85 -12.15
N PHE A 395 5.32 -8.82 -11.62
CA PHE A 395 4.71 -10.10 -11.29
C PHE A 395 4.01 -10.70 -12.49
N ASN A 396 3.89 -9.94 -13.60
CA ASN A 396 3.49 -10.49 -14.91
C ASN A 396 3.85 -9.54 -16.08
N GLU A 397 4.76 -10.03 -16.93
CA GLU A 397 4.76 -9.95 -18.40
C GLU A 397 4.36 -8.64 -19.09
N VAL A 398 5.24 -7.63 -19.06
CA VAL A 398 5.11 -6.53 -20.03
C VAL A 398 5.26 -7.07 -21.46
N GLU A 399 4.73 -6.31 -22.42
CA GLU A 399 4.79 -6.73 -23.81
C GLU A 399 6.22 -6.66 -24.32
N LYS A 400 6.53 -7.55 -25.27
CA LYS A 400 7.89 -7.92 -25.63
C LYS A 400 8.65 -6.75 -26.24
N GLN A 401 8.07 -6.15 -27.27
CA GLN A 401 8.70 -5.10 -28.04
C GLN A 401 8.92 -3.85 -27.22
N ILE A 402 7.95 -3.51 -26.37
CA ILE A 402 8.08 -2.35 -25.52
C ILE A 402 8.94 -2.63 -24.29
N GLY A 403 8.99 -3.88 -23.81
CA GLY A 403 9.88 -4.20 -22.72
C GLY A 403 11.34 -4.18 -23.08
N ASN A 404 11.65 -4.52 -24.33
CA ASN A 404 13.01 -4.45 -24.82
C ASN A 404 13.53 -3.02 -24.95
N VAL A 405 12.63 -2.04 -25.16
CA VAL A 405 13.04 -0.65 -25.22
C VAL A 405 13.42 -0.14 -23.84
N ILE A 406 12.71 -0.58 -22.81
CA ILE A 406 12.94 -0.09 -21.46
C ILE A 406 14.25 -0.62 -20.91
N ASN A 407 14.52 -1.91 -21.14
CA ASN A 407 15.78 -2.51 -20.72
C ASN A 407 16.96 -1.92 -21.48
N TRP A 408 16.77 -1.64 -22.77
CA TRP A 408 17.75 -0.96 -23.59
C TRP A 408 18.06 0.42 -23.04
N THR A 409 17.02 1.21 -22.75
CA THR A 409 17.16 2.56 -22.23
C THR A 409 17.80 2.56 -20.85
N ARG A 410 17.36 1.64 -19.98
CA ARG A 410 17.81 1.64 -18.59
C ARG A 410 19.28 1.32 -18.48
N ASP A 411 19.73 0.31 -19.21
CA ASP A 411 21.13 -0.08 -19.15
C ASP A 411 22.02 0.93 -19.85
N SER A 412 21.46 1.68 -20.80
CA SER A 412 22.12 2.80 -21.44
C SER A 412 22.43 3.94 -20.50
N ILE A 413 21.42 4.39 -19.74
CA ILE A 413 21.59 5.38 -18.70
C ILE A 413 22.56 4.90 -17.62
N THR A 414 22.50 3.61 -17.29
CA THR A 414 23.31 3.01 -16.24
C THR A 414 24.80 3.08 -16.56
N GLU A 415 25.14 3.05 -17.84
CA GLU A 415 26.54 3.20 -18.22
C GLU A 415 26.99 4.65 -18.10
N VAL A 416 26.05 5.59 -18.12
CA VAL A 416 26.38 7.00 -18.10
C VAL A 416 26.72 7.44 -16.67
N TRP A 417 25.89 7.03 -15.72
CA TRP A 417 26.12 7.45 -14.34
C TRP A 417 27.33 6.75 -13.75
N SER A 418 27.46 5.46 -13.99
CA SER A 418 28.59 4.67 -13.55
C SER A 418 29.91 5.12 -14.16
N TYR A 419 29.90 5.69 -15.36
CA TYR A 419 31.05 6.42 -15.87
C TYR A 419 31.29 7.72 -15.12
N ASN A 420 30.23 8.49 -14.89
CA ASN A 420 30.33 9.75 -14.18
C ASN A 420 30.81 9.58 -12.76
N ALA A 421 30.37 8.50 -12.11
CA ALA A 421 30.71 8.19 -10.73
C ALA A 421 32.21 8.10 -10.50
N GLU A 422 32.92 7.37 -11.36
CA GLU A 422 34.32 7.09 -11.06
C GLU A 422 35.29 8.15 -11.54
N LEU A 423 34.92 8.95 -12.53
CA LEU A 423 35.76 10.09 -12.88
C LEU A 423 35.64 11.19 -11.83
N LEU A 424 34.42 11.43 -11.35
CA LEU A 424 34.15 12.44 -10.33
C LEU A 424 34.99 12.21 -9.08
N VAL A 425 35.12 10.95 -8.67
CA VAL A 425 35.92 10.64 -7.50
C VAL A 425 37.40 10.80 -7.80
N ALA A 426 37.85 10.21 -8.91
CA ALA A 426 39.26 10.23 -9.29
C ALA A 426 39.80 11.62 -9.55
N MET A 427 39.00 12.47 -10.20
CA MET A 427 39.34 13.88 -10.38
C MET A 427 39.42 14.60 -9.05
N GLU A 428 38.56 14.22 -8.11
CA GLU A 428 38.50 14.87 -6.82
C GLU A 428 39.69 14.49 -5.95
N ASN A 429 40.05 13.20 -5.95
CA ASN A 429 41.20 12.66 -5.26
C ASN A 429 42.50 13.32 -5.63
N GLN A 430 42.65 13.71 -6.90
CA GLN A 430 43.89 14.30 -7.38
C GLN A 430 44.08 15.69 -6.84
N HIS A 431 43.01 16.46 -6.76
CA HIS A 431 43.09 17.82 -6.24
C HIS A 431 43.23 17.82 -4.73
N THR A 432 42.85 16.73 -4.08
CA THR A 432 42.90 16.66 -2.62
C THR A 432 44.33 16.58 -2.13
N ILE A 433 45.23 16.03 -2.94
CA ILE A 433 46.55 15.66 -2.44
C ILE A 433 47.52 16.83 -2.55
N ASP A 434 47.47 17.55 -3.66
CA ASP A 434 48.32 18.72 -3.82
C ASP A 434 47.78 19.95 -3.09
N LEU A 435 46.47 20.00 -2.84
CA LEU A 435 45.88 20.91 -1.87
C LEU A 435 46.61 20.87 -0.54
N ALA A 436 46.84 19.67 -0.01
CA ALA A 436 47.61 19.47 1.19
C ALA A 436 49.10 19.62 0.98
N ASP A 437 49.56 19.62 -0.27
CA ASP A 437 50.97 19.83 -0.55
C ASP A 437 51.27 21.30 -0.77
N SER A 438 50.35 22.01 -1.44
CA SER A 438 50.40 23.47 -1.50
C SER A 438 50.48 24.13 -0.15
N GLU A 439 49.61 23.73 0.79
CA GLU A 439 49.59 24.26 2.15
C GLU A 439 50.84 23.92 2.93
N MET A 440 51.57 22.90 2.48
CA MET A 440 52.84 22.52 3.05
C MET A 440 53.97 23.44 2.62
N ASP A 441 53.91 23.92 1.37
CA ASP A 441 54.97 24.75 0.84
C ASP A 441 54.80 26.21 1.24
N LYS A 442 53.57 26.73 1.19
CA LYS A 442 53.26 28.09 1.64
C LYS A 442 53.70 28.35 3.07
N LEU A 443 53.44 27.40 3.97
CA LEU A 443 53.95 27.43 5.32
C LEU A 443 55.47 27.42 5.35
N TYR A 444 56.08 26.69 4.43
CA TYR A 444 57.51 26.47 4.47
C TYR A 444 58.31 27.72 4.15
N GLU A 445 58.04 28.38 3.03
CA GLU A 445 58.81 29.58 2.73
C GLU A 445 58.36 30.79 3.52
N ARG A 446 57.17 30.75 4.14
CA ARG A 446 56.78 31.79 5.09
C ARG A 446 57.80 31.93 6.20
N VAL A 447 58.39 30.81 6.61
CA VAL A 447 59.46 30.85 7.59
C VAL A 447 60.73 31.43 6.97
N LYS A 448 60.87 31.35 5.64
CA LYS A 448 62.13 31.70 5.01
C LYS A 448 62.35 33.20 4.94
N ARG A 449 61.37 33.94 4.41
CA ARG A 449 61.58 35.39 4.34
C ARG A 449 61.21 36.07 5.65
N GLN A 450 60.59 35.35 6.59
CA GLN A 450 60.57 35.77 7.98
C GLN A 450 61.94 35.69 8.62
N LEU A 451 62.62 34.55 8.47
CA LEU A 451 64.03 34.44 8.83
C LEU A 451 64.89 34.94 7.68
N ARG A 452 64.83 36.25 7.48
CA ARG A 452 65.09 36.86 6.18
C ARG A 452 66.54 36.69 5.75
N GLU A 453 67.48 37.19 6.54
CA GLU A 453 68.91 37.05 6.25
C GLU A 453 69.58 36.22 7.33
N ASN A 454 68.89 35.18 7.81
CA ASN A 454 69.20 34.50 9.06
C ASN A 454 69.45 33.01 8.89
N ALA A 455 68.59 32.32 8.16
CA ALA A 455 68.71 30.89 7.90
C ALA A 455 69.40 30.64 6.56
N GLU A 456 70.23 29.61 6.52
CA GLU A 456 70.58 28.91 5.28
C GLU A 456 69.60 27.78 5.06
N GLU A 457 70.03 26.82 4.26
CA GLU A 457 69.14 25.75 3.88
C GLU A 457 69.92 24.44 3.75
N ASP A 458 69.21 23.31 3.88
CA ASP A 458 69.80 22.04 3.47
C ASP A 458 68.97 21.35 2.37
N GLY A 459 67.65 21.44 2.45
CA GLY A 459 66.83 20.84 1.43
C GLY A 459 66.09 19.61 1.91
N THR A 460 66.00 19.46 3.22
CA THR A 460 65.22 18.40 3.83
C THR A 460 63.87 18.90 4.33
N GLY A 461 63.72 20.21 4.47
CA GLY A 461 62.56 20.80 5.09
C GLY A 461 62.91 21.53 6.35
N CYS A 462 64.18 21.86 6.54
CA CYS A 462 64.69 22.25 7.83
C CYS A 462 65.66 23.41 7.66
N PHE A 463 65.50 24.44 8.47
CA PHE A 463 66.29 25.65 8.42
C PHE A 463 67.44 25.53 9.38
N GLU A 464 68.31 26.54 9.41
CA GLU A 464 69.57 26.45 10.16
C GLU A 464 69.97 27.84 10.63
N ILE A 465 69.57 28.22 11.83
CA ILE A 465 69.77 29.55 12.39
C ILE A 465 71.24 29.73 12.75
N PHE A 466 71.77 30.95 12.58
CA PHE A 466 73.20 31.21 12.73
C PHE A 466 73.55 32.10 13.90
N HIS A 467 72.82 31.97 15.01
CA HIS A 467 73.16 32.60 16.28
C HIS A 467 72.37 31.85 17.33
N LYS A 468 72.67 32.09 18.60
CA LYS A 468 72.03 31.34 19.67
C LYS A 468 70.59 31.81 19.82
N CYS A 469 69.66 30.88 19.62
CA CYS A 469 68.22 31.13 19.60
C CYS A 469 67.56 30.19 20.60
N ASP A 470 67.32 30.65 21.83
CA ASP A 470 66.69 29.83 22.86
C ASP A 470 65.18 29.79 22.65
N ASP A 471 64.44 29.30 23.65
CA ASP A 471 63.11 28.78 23.35
C ASP A 471 62.06 29.88 23.20
N ASP A 472 62.35 31.10 23.66
CA ASP A 472 61.42 32.20 23.36
C ASP A 472 61.63 32.71 21.94
N CYS A 473 62.89 32.79 21.51
CA CYS A 473 63.24 32.97 20.11
C CYS A 473 62.65 31.87 19.26
N MET A 474 62.65 30.63 19.75
CA MET A 474 61.98 29.55 19.04
C MET A 474 60.48 29.66 19.12
N ALA A 475 59.95 30.43 20.06
CA ALA A 475 58.51 30.61 20.14
C ALA A 475 58.06 31.74 19.26
N SER A 476 58.91 32.75 19.07
CA SER A 476 58.59 33.92 18.27
C SER A 476 58.54 33.61 16.79
N ILE A 477 59.14 32.51 16.35
CA ILE A 477 59.08 32.07 14.96
C ILE A 477 57.76 31.37 14.66
N ARG A 478 57.15 30.75 15.66
CA ARG A 478 56.04 29.85 15.41
C ARG A 478 54.70 30.55 15.50
N ASN A 479 54.69 31.78 15.98
CA ASN A 479 53.49 32.60 16.08
C ASN A 479 53.54 33.83 15.19
N ASN A 480 54.51 33.86 14.27
CA ASN A 480 54.62 34.84 13.18
C ASN A 480 54.98 36.23 13.71
N THR A 481 55.90 36.28 14.68
CA THR A 481 56.38 37.57 15.16
C THR A 481 57.87 37.60 15.45
N TYR A 482 58.68 36.94 14.64
CA TYR A 482 60.13 37.04 14.81
C TYR A 482 60.60 38.35 14.19
N ASP A 483 61.45 39.07 14.90
CA ASP A 483 61.87 40.41 14.51
C ASP A 483 63.35 40.40 14.19
N HIS A 484 63.67 40.28 12.90
CA HIS A 484 64.98 39.82 12.51
C HIS A 484 66.09 40.84 12.69
N ARG A 485 65.77 42.11 12.87
CA ARG A 485 66.85 43.11 12.89
C ARG A 485 67.56 43.14 14.23
N LYS A 486 67.01 42.47 15.24
CA LYS A 486 67.70 42.23 16.50
C LYS A 486 68.98 41.44 16.28
N TYR A 487 68.95 40.56 15.29
CA TYR A 487 69.87 39.45 15.13
C TYR A 487 70.61 39.52 13.82
N ARG A 488 70.20 40.42 12.92
CA ARG A 488 70.85 40.62 11.62
C ARG A 488 72.30 41.07 11.81
N GLU A 489 72.59 41.78 12.89
CA GLU A 489 73.97 42.19 13.15
C GLU A 489 74.85 41.02 13.60
N GLU A 490 74.26 39.93 14.07
CA GLU A 490 75.07 38.79 14.48
C GLU A 490 74.65 37.49 13.78
N ALA A 491 73.68 37.56 12.86
CA ALA A 491 73.61 36.58 11.80
C ALA A 491 74.50 36.93 10.61
N MET A 492 75.53 37.75 10.82
CA MET A 492 76.50 38.07 9.77
C MET A 492 77.94 38.06 10.26
N GLN A 493 78.26 37.32 11.31
CA GLN A 493 79.60 36.78 11.40
C GLN A 493 79.65 35.34 10.90
N ASN A 494 78.68 34.98 10.07
CA ASN A 494 78.43 33.63 9.62
C ASN A 494 78.13 33.67 8.13
N MET B 1 -39.83 -22.14 -2.03
CA MET B 1 -40.38 -21.69 -0.75
C MET B 1 -39.63 -22.32 0.42
N VAL B 2 -38.61 -21.63 0.89
CA VAL B 2 -37.78 -22.13 1.98
C VAL B 2 -38.36 -21.64 3.30
N GLN B 3 -38.88 -22.57 4.09
CA GLN B 3 -39.53 -22.26 5.37
C GLN B 3 -38.73 -22.88 6.50
N LEU B 4 -38.56 -22.12 7.57
CA LEU B 4 -37.78 -22.54 8.73
C LEU B 4 -38.65 -22.42 9.98
N GLN B 5 -38.68 -23.47 10.78
CA GLN B 5 -39.57 -23.55 11.94
C GLN B 5 -38.82 -24.11 13.13
N GLU B 6 -38.76 -23.33 14.22
CA GLU B 6 -38.11 -23.77 15.45
C GLU B 6 -39.05 -24.69 16.23
N SER B 7 -38.48 -25.35 17.23
CA SER B 7 -39.23 -26.18 18.16
C SER B 7 -38.41 -26.37 19.42
N GLY B 8 -39.09 -26.73 20.50
CA GLY B 8 -38.43 -27.01 21.75
C GLY B 8 -39.33 -26.92 22.96
N PRO B 9 -38.73 -26.97 24.15
CA PRO B 9 -39.51 -26.99 25.39
C PRO B 9 -40.01 -25.61 25.78
N GLY B 10 -40.72 -25.58 26.92
CA GLY B 10 -41.29 -24.35 27.42
C GLY B 10 -40.48 -23.69 28.51
N LEU B 11 -40.06 -24.45 29.52
CA LEU B 11 -39.37 -23.91 30.68
C LEU B 11 -38.08 -24.68 30.90
N VAL B 12 -36.98 -23.95 31.07
CA VAL B 12 -35.64 -24.53 31.22
C VAL B 12 -35.09 -24.06 32.56
N LYS B 13 -34.55 -24.99 33.33
CA LYS B 13 -34.01 -24.64 34.65
C LYS B 13 -32.59 -24.10 34.48
N PRO B 14 -32.17 -23.15 35.33
CA PRO B 14 -30.83 -22.56 35.20
C PRO B 14 -29.71 -23.57 35.50
N SER B 15 -28.52 -23.19 35.02
CA SER B 15 -27.28 -23.97 35.09
C SER B 15 -27.42 -25.33 34.40
N GLN B 16 -28.30 -25.42 33.41
CA GLN B 16 -28.57 -26.61 32.61
C GLN B 16 -28.27 -26.33 31.14
N SER B 17 -28.70 -27.24 30.29
CA SER B 17 -28.51 -27.09 28.85
C SER B 17 -29.84 -26.79 28.16
N LEU B 18 -29.74 -26.38 26.89
CA LEU B 18 -30.90 -26.09 26.05
C LEU B 18 -30.69 -26.65 24.65
N SER B 19 -31.63 -27.48 24.21
CA SER B 19 -31.55 -28.11 22.90
C SER B 19 -32.74 -27.70 22.06
N LEU B 20 -32.50 -26.84 21.08
CA LEU B 20 -33.51 -26.51 20.09
C LEU B 20 -33.06 -27.00 18.72
N THR B 21 -34.03 -27.19 17.84
CA THR B 21 -33.74 -27.54 16.46
C THR B 21 -34.57 -26.68 15.54
N CYS B 22 -34.22 -26.69 14.25
CA CYS B 22 -34.98 -26.00 13.23
C CYS B 22 -35.18 -26.95 12.05
N THR B 23 -36.43 -27.16 11.67
CA THR B 23 -36.72 -27.97 10.50
C THR B 23 -36.75 -27.07 9.26
N VAL B 24 -36.27 -27.62 8.16
CA VAL B 24 -36.08 -26.88 6.91
C VAL B 24 -36.67 -27.71 5.79
N THR B 25 -37.65 -27.15 5.08
CA THR B 25 -38.25 -27.84 3.94
C THR B 25 -38.15 -26.97 2.70
N GLY B 26 -37.98 -27.63 1.55
CA GLY B 26 -37.85 -26.95 0.27
C GLY B 26 -36.42 -26.82 -0.23
N TYR B 27 -35.43 -27.07 0.62
CA TYR B 27 -34.04 -26.77 0.27
C TYR B 27 -33.12 -27.60 1.15
N SER B 28 -32.23 -28.36 0.52
CA SER B 28 -31.25 -29.17 1.24
C SER B 28 -30.29 -28.29 2.01
N ILE B 29 -29.99 -28.71 3.25
CA ILE B 29 -29.05 -27.95 4.07
C ILE B 29 -27.61 -28.22 3.70
N THR B 30 -27.37 -29.06 2.69
CA THR B 30 -26.05 -29.25 2.11
C THR B 30 -25.86 -28.51 0.80
N SER B 31 -26.90 -27.86 0.27
CA SER B 31 -26.72 -26.98 -0.86
C SER B 31 -26.26 -25.61 -0.37
N ASP B 32 -25.36 -25.01 -1.14
CA ASP B 32 -24.26 -24.21 -0.60
C ASP B 32 -24.66 -22.84 -0.05
N TYR B 33 -25.25 -22.84 1.16
CA TYR B 33 -25.34 -21.64 1.98
C TYR B 33 -25.29 -22.02 3.47
N THR B 34 -24.94 -21.06 4.32
CA THR B 34 -24.80 -21.34 5.74
C THR B 34 -26.13 -21.11 6.45
N TRP B 35 -26.16 -21.45 7.74
CA TRP B 35 -27.42 -21.60 8.49
C TRP B 35 -27.22 -21.09 9.92
N ASN B 36 -27.91 -20.02 10.28
CA ASN B 36 -27.66 -19.25 11.50
C ASN B 36 -28.76 -19.42 12.54
N TRP B 37 -28.41 -19.03 13.78
CA TRP B 37 -29.34 -18.84 14.87
C TRP B 37 -29.13 -17.44 15.42
N ILE B 38 -30.22 -16.74 15.77
CA ILE B 38 -30.18 -15.34 16.20
C ILE B 38 -31.18 -15.14 17.34
N ARG B 39 -30.69 -14.61 18.46
CA ARG B 39 -31.52 -14.41 19.65
C ARG B 39 -32.28 -13.09 19.57
N GLN B 40 -33.05 -12.81 20.63
CA GLN B 40 -33.80 -11.57 20.76
C GLN B 40 -33.87 -11.21 22.24
N PHE B 41 -33.04 -10.26 22.68
CA PHE B 41 -33.07 -9.80 24.07
C PHE B 41 -34.40 -9.13 24.41
N PRO B 42 -34.78 -9.14 25.69
CA PRO B 42 -35.90 -8.29 26.13
C PRO B 42 -35.52 -6.82 26.04
N GLY B 43 -36.29 -6.07 25.26
CA GLY B 43 -35.92 -4.74 24.85
C GLY B 43 -35.70 -4.59 23.37
N ASN B 44 -36.01 -5.63 22.58
CA ASN B 44 -35.94 -5.66 21.12
C ASN B 44 -34.51 -5.35 20.63
N LYS B 45 -33.61 -6.28 20.93
CA LYS B 45 -32.19 -6.10 20.64
C LYS B 45 -31.61 -7.41 20.17
N LEU B 46 -30.97 -7.39 19.01
CA LEU B 46 -30.59 -8.58 18.27
C LEU B 46 -29.12 -8.91 18.46
N GLU B 47 -28.77 -10.18 18.20
CA GLU B 47 -27.42 -10.68 18.45
C GLU B 47 -27.19 -11.92 17.62
N TRP B 48 -25.91 -12.22 17.32
CA TRP B 48 -25.55 -13.33 16.46
C TRP B 48 -24.89 -14.45 17.25
N MET B 49 -25.25 -15.69 16.90
CA MET B 49 -24.74 -16.88 17.58
C MET B 49 -23.62 -17.56 16.80
N GLY B 50 -23.92 -18.03 15.61
CA GLY B 50 -23.00 -18.87 14.86
C GLY B 50 -23.74 -19.54 13.72
N TYR B 51 -22.96 -20.14 12.81
CA TYR B 51 -23.52 -20.83 11.68
C TYR B 51 -22.94 -22.22 11.56
N ILE B 52 -23.63 -23.07 10.82
CA ILE B 52 -23.07 -24.32 10.30
C ILE B 52 -23.14 -24.26 8.78
N SER B 53 -22.02 -24.60 8.13
CA SER B 53 -21.96 -24.50 6.69
C SER B 53 -22.71 -25.64 6.03
N TYR B 54 -22.82 -25.57 4.70
CA TYR B 54 -23.45 -26.64 3.94
C TYR B 54 -22.61 -27.90 3.95
N SER B 55 -21.29 -27.74 4.06
CA SER B 55 -20.37 -28.85 4.26
C SER B 55 -20.28 -29.27 5.72
N GLY B 56 -20.45 -28.33 6.65
CA GLY B 56 -20.39 -28.64 8.06
C GLY B 56 -19.32 -27.91 8.83
N SER B 57 -18.77 -26.83 8.30
CA SER B 57 -17.90 -25.99 9.10
C SER B 57 -18.74 -25.04 9.93
N THR B 58 -18.18 -24.62 11.06
CA THR B 58 -18.88 -23.72 11.97
C THR B 58 -17.95 -22.60 12.42
N SER B 59 -18.53 -21.42 12.61
CA SER B 59 -17.92 -20.37 13.39
C SER B 59 -18.93 -19.96 14.45
N TYR B 60 -18.44 -19.34 15.51
CA TYR B 60 -19.25 -18.98 16.66
C TYR B 60 -19.04 -17.52 17.00
N ASN B 61 -19.95 -17.00 17.81
CA ASN B 61 -19.78 -15.67 18.37
C ASN B 61 -18.61 -15.70 19.37
N PRO B 62 -17.60 -14.85 19.21
CA PRO B 62 -16.41 -14.94 20.07
C PRO B 62 -16.60 -14.51 21.51
N SER B 63 -17.83 -14.25 21.97
CA SER B 63 -18.13 -14.24 23.39
C SER B 63 -19.05 -15.39 23.78
N LEU B 64 -19.20 -16.40 22.92
CA LEU B 64 -19.84 -17.66 23.26
C LEU B 64 -18.90 -18.79 22.85
N LYS B 65 -17.62 -18.66 23.22
CA LYS B 65 -16.56 -19.39 22.54
C LYS B 65 -16.53 -20.86 22.94
N SER B 66 -16.70 -21.15 24.23
CA SER B 66 -16.53 -22.51 24.74
C SER B 66 -17.82 -23.14 25.24
N ARG B 67 -18.95 -22.43 25.15
CA ARG B 67 -20.19 -22.91 25.73
C ARG B 67 -21.27 -23.16 24.70
N MET B 68 -20.91 -23.36 23.44
CA MET B 68 -21.88 -23.43 22.36
C MET B 68 -21.47 -24.50 21.34
N SER B 69 -22.45 -25.24 20.85
CA SER B 69 -22.25 -26.17 19.74
C SER B 69 -23.46 -26.16 18.84
N ILE B 70 -23.23 -26.37 17.54
CA ILE B 70 -24.28 -26.46 16.53
C ILE B 70 -23.93 -27.60 15.57
N THR B 71 -24.84 -28.56 15.44
CA THR B 71 -24.69 -29.67 14.51
C THR B 71 -25.94 -29.76 13.64
N ARG B 72 -25.99 -30.81 12.81
CA ARG B 72 -27.06 -30.93 11.83
C ARG B 72 -27.44 -32.39 11.65
N ASP B 73 -28.48 -32.58 10.84
CA ASP B 73 -29.00 -33.89 10.49
C ASP B 73 -29.39 -33.85 9.02
N THR B 74 -28.70 -34.64 8.20
CA THR B 74 -28.95 -34.65 6.77
C THR B 74 -30.15 -35.51 6.39
N SER B 75 -30.69 -36.29 7.33
CA SER B 75 -31.74 -37.23 6.99
C SER B 75 -33.12 -36.58 6.98
N LYS B 76 -33.54 -36.04 8.12
CA LYS B 76 -34.85 -35.38 8.22
C LYS B 76 -34.76 -33.88 8.06
N ASN B 77 -33.68 -33.38 7.45
CA ASN B 77 -33.52 -32.00 6.98
C ASN B 77 -33.57 -30.99 8.14
N GLN B 78 -32.67 -31.17 9.11
CA GLN B 78 -32.70 -30.36 10.32
C GLN B 78 -31.29 -30.03 10.76
N PHE B 79 -31.20 -29.04 11.66
CA PHE B 79 -30.00 -28.76 12.41
C PHE B 79 -30.40 -28.38 13.83
N LEU B 80 -29.49 -28.64 14.78
CA LEU B 80 -29.85 -28.65 16.20
C LEU B 80 -28.91 -27.75 16.98
N LEU B 81 -29.48 -26.82 17.74
CA LEU B 81 -28.72 -25.89 18.56
C LEU B 81 -28.57 -26.43 19.98
N GLN B 82 -27.37 -26.25 20.56
CA GLN B 82 -27.09 -26.67 21.92
C GLN B 82 -26.27 -25.62 22.65
N LEU B 83 -26.71 -25.26 23.85
CA LEU B 83 -26.12 -24.23 24.70
C LEU B 83 -26.25 -24.67 26.14
N ASN B 84 -25.22 -24.43 26.94
CA ASN B 84 -25.16 -24.90 28.33
C ASN B 84 -24.70 -23.76 29.26
N SER B 85 -24.68 -24.08 30.56
CA SER B 85 -24.13 -23.24 31.63
C SER B 85 -24.87 -21.91 31.72
N VAL B 86 -26.20 -21.99 31.75
CA VAL B 86 -27.05 -20.85 31.47
C VAL B 86 -27.33 -20.07 32.75
N THR B 87 -27.69 -18.80 32.58
CA THR B 87 -28.03 -17.87 33.66
C THR B 87 -29.41 -17.27 33.37
N THR B 88 -29.75 -16.24 34.12
CA THR B 88 -31.06 -15.59 33.96
C THR B 88 -31.17 -14.79 32.67
N ALA B 89 -30.05 -14.39 32.08
CA ALA B 89 -30.07 -13.49 30.93
C ALA B 89 -30.59 -14.16 29.66
N ASP B 90 -30.48 -15.48 29.56
CA ASP B 90 -30.71 -16.18 28.30
C ASP B 90 -32.19 -16.39 27.97
N THR B 91 -33.12 -15.71 28.65
CA THR B 91 -34.52 -15.75 28.24
C THR B 91 -34.68 -14.85 27.03
N ALA B 92 -34.85 -15.44 25.86
CA ALA B 92 -34.86 -14.67 24.63
C ALA B 92 -35.84 -15.31 23.65
N THR B 93 -35.83 -14.82 22.41
CA THR B 93 -36.52 -15.47 21.30
C THR B 93 -35.49 -15.85 20.27
N TYR B 94 -35.45 -17.13 19.90
CA TYR B 94 -34.39 -17.66 19.06
C TYR B 94 -34.90 -17.85 17.64
N TYR B 95 -34.15 -17.32 16.67
CA TYR B 95 -34.58 -17.26 15.28
C TYR B 95 -33.62 -18.06 14.41
N CYS B 96 -34.05 -19.22 13.95
CA CYS B 96 -33.26 -19.98 12.98
C CYS B 96 -33.40 -19.32 11.62
N THR B 97 -32.28 -18.88 11.06
CA THR B 97 -32.30 -18.15 9.80
C THR B 97 -31.41 -18.84 8.78
N ARG B 98 -31.82 -18.78 7.53
CA ARG B 98 -30.93 -19.14 6.42
C ARG B 98 -30.15 -17.89 6.02
N ASP B 99 -28.83 -17.98 6.08
CA ASP B 99 -28.00 -16.87 5.64
C ASP B 99 -28.01 -16.80 4.12
N GLY B 100 -27.68 -15.62 3.60
CA GLY B 100 -27.44 -15.45 2.19
C GLY B 100 -25.94 -15.40 1.97
N PRO B 101 -25.49 -14.63 0.97
CA PRO B 101 -24.05 -14.34 0.84
C PRO B 101 -23.55 -13.34 1.88
N TYR B 102 -22.29 -12.86 1.79
CA TYR B 102 -21.85 -11.76 2.68
C TYR B 102 -22.66 -10.50 2.48
N TRP B 103 -23.34 -10.38 1.33
CA TRP B 103 -24.32 -9.36 1.04
C TRP B 103 -25.30 -9.13 2.20
N HIS B 104 -25.95 -10.21 2.69
CA HIS B 104 -27.13 -10.04 3.54
C HIS B 104 -27.45 -11.34 4.29
N ILE B 105 -28.68 -11.40 4.81
CA ILE B 105 -29.36 -12.60 5.29
C ILE B 105 -30.69 -12.68 4.54
N ASP B 106 -31.05 -13.85 4.02
CA ASP B 106 -32.35 -13.93 3.34
C ASP B 106 -33.49 -14.39 4.25
N VAL B 107 -33.48 -15.66 4.65
CA VAL B 107 -34.71 -16.32 5.05
C VAL B 107 -34.76 -16.41 6.57
N TRP B 108 -35.85 -15.92 7.14
CA TRP B 108 -36.05 -15.87 8.59
C TRP B 108 -37.10 -16.87 9.02
N GLY B 109 -36.86 -17.51 10.16
CA GLY B 109 -37.87 -18.30 10.82
C GLY B 109 -38.62 -17.48 11.85
N ALA B 110 -39.83 -17.94 12.17
CA ALA B 110 -40.76 -17.14 12.96
C ALA B 110 -40.28 -16.93 14.39
N GLY B 111 -39.48 -17.84 14.92
CA GLY B 111 -38.94 -17.70 16.26
C GLY B 111 -39.72 -18.51 17.29
N THR B 112 -39.10 -18.67 18.46
CA THR B 112 -39.80 -19.22 19.61
C THR B 112 -39.14 -18.67 20.87
N THR B 113 -39.95 -18.59 21.92
CA THR B 113 -39.54 -17.91 23.15
C THR B 113 -39.10 -18.94 24.17
N VAL B 114 -37.92 -18.72 24.76
CA VAL B 114 -37.40 -19.60 25.78
C VAL B 114 -37.49 -18.84 27.11
N THR B 115 -37.47 -19.60 28.20
CA THR B 115 -37.48 -19.03 29.55
C THR B 115 -36.53 -19.83 30.42
N VAL B 116 -35.57 -19.13 31.05
CA VAL B 116 -34.57 -19.74 31.91
C VAL B 116 -34.70 -19.10 33.29
N SER B 117 -35.46 -19.75 34.16
CA SER B 117 -35.55 -19.45 35.60
C SER B 117 -36.13 -20.68 36.29
N SER B 118 -35.78 -20.85 37.56
CA SER B 118 -36.09 -22.06 38.33
C SER B 118 -37.41 -21.96 39.07
N ASP C 1 -14.51 -5.08 17.95
CA ASP C 1 -15.81 -5.21 17.30
C ASP C 1 -16.28 -3.92 16.64
N ILE C 2 -17.51 -3.96 16.14
CA ILE C 2 -18.12 -2.86 15.39
C ILE C 2 -19.44 -2.54 16.07
N GLN C 3 -19.70 -1.25 16.26
CA GLN C 3 -20.96 -0.80 16.88
C GLN C 3 -21.85 -0.14 15.84
N MET C 4 -23.15 -0.44 15.91
CA MET C 4 -24.14 0.03 14.94
C MET C 4 -25.18 0.85 15.68
N ASN C 5 -25.05 2.18 15.64
CA ASN C 5 -25.90 3.08 16.42
C ASN C 5 -27.01 3.63 15.53
N GLN C 6 -28.10 2.88 15.41
CA GLN C 6 -29.27 3.32 14.67
C GLN C 6 -30.02 4.38 15.48
N SER C 7 -30.14 5.57 14.92
CA SER C 7 -30.74 6.74 15.56
C SER C 7 -31.80 7.35 14.64
N PRO C 8 -32.87 7.91 15.20
CA PRO C 8 -33.28 7.98 16.61
C PRO C 8 -34.01 6.75 17.07
N SER C 9 -34.21 6.66 18.39
CA SER C 9 -34.80 5.47 19.00
C SER C 9 -36.27 5.32 18.64
N SER C 10 -36.99 6.44 18.49
CA SER C 10 -38.36 6.44 18.00
C SER C 10 -38.71 7.84 17.51
N LEU C 11 -39.53 7.89 16.47
CA LEU C 11 -40.08 9.15 15.97
C LEU C 11 -41.43 8.87 15.33
N SER C 12 -42.23 9.92 15.20
CA SER C 12 -43.66 9.81 14.91
C SER C 12 -43.97 10.37 13.53
N ALA C 13 -44.73 9.60 12.74
CA ALA C 13 -45.05 9.96 11.37
C ALA C 13 -46.51 9.67 11.06
N SER C 14 -47.12 10.57 10.30
CA SER C 14 -48.49 10.40 9.85
C SER C 14 -48.50 9.74 8.47
N LEU C 15 -49.66 9.77 7.80
CA LEU C 15 -49.81 9.13 6.50
C LEU C 15 -49.33 10.06 5.39
N GLY C 16 -48.45 9.55 4.53
CA GLY C 16 -48.01 10.28 3.37
C GLY C 16 -46.70 11.03 3.52
N ASP C 17 -46.03 10.93 4.66
CA ASP C 17 -44.84 11.71 4.93
C ASP C 17 -43.58 10.93 4.56
N THR C 18 -42.57 11.66 4.08
CA THR C 18 -41.26 11.10 3.79
C THR C 18 -40.43 11.17 5.05
N ILE C 19 -39.87 10.03 5.46
CA ILE C 19 -39.02 9.95 6.64
C ILE C 19 -37.78 9.15 6.29
N THR C 20 -36.73 9.34 7.09
CA THR C 20 -35.47 8.65 6.95
C THR C 20 -35.13 7.98 8.27
N ILE C 21 -34.40 6.87 8.22
CA ILE C 21 -33.70 6.35 9.39
C ILE C 21 -32.24 6.18 9.00
N THR C 22 -31.35 6.41 9.95
CA THR C 22 -29.92 6.60 9.68
C THR C 22 -29.08 5.74 10.60
N CYS C 23 -28.54 4.65 10.09
CA CYS C 23 -27.57 3.91 10.87
C CYS C 23 -26.20 4.60 10.79
N HIS C 24 -25.32 4.18 11.68
CA HIS C 24 -24.01 4.80 11.82
C HIS C 24 -23.04 3.72 12.30
N ALA C 25 -22.40 3.06 11.34
CA ALA C 25 -21.34 2.11 11.65
C ALA C 25 -20.15 2.85 12.23
N SER C 26 -19.57 2.29 13.28
CA SER C 26 -18.48 2.95 14.00
C SER C 26 -17.13 2.76 13.35
N GLN C 27 -17.07 2.02 12.24
CA GLN C 27 -15.82 1.75 11.54
C GLN C 27 -16.17 1.47 10.08
N THR C 28 -15.22 1.73 9.19
CA THR C 28 -15.44 1.67 7.75
C THR C 28 -15.84 0.26 7.29
N ILE C 29 -17.03 0.16 6.69
CA ILE C 29 -17.53 -1.13 6.20
C ILE C 29 -17.95 -0.97 4.74
N ASN C 30 -18.16 0.28 4.37
CA ASN C 30 -18.13 0.96 3.08
C ASN C 30 -19.21 0.60 2.05
N ILE C 31 -19.77 -0.62 2.03
CA ILE C 31 -20.98 -0.82 1.24
C ILE C 31 -21.94 -1.75 1.98
N TRP C 32 -21.45 -2.45 3.00
CA TRP C 32 -22.14 -3.66 3.46
C TRP C 32 -23.19 -3.29 4.51
N LEU C 33 -24.44 -3.14 4.07
CA LEU C 33 -25.61 -3.11 4.93
C LEU C 33 -26.81 -3.79 4.29
N SER C 34 -27.75 -4.15 5.14
CA SER C 34 -29.05 -4.63 4.70
C SER C 34 -30.09 -4.22 5.74
N TRP C 35 -31.31 -3.99 5.28
CA TRP C 35 -32.38 -3.47 6.11
C TRP C 35 -33.47 -4.51 6.31
N TYR C 36 -33.77 -4.81 7.57
CA TYR C 36 -34.74 -5.81 7.93
C TYR C 36 -35.91 -5.15 8.65
N GLN C 37 -37.13 -5.51 8.27
CA GLN C 37 -38.28 -5.24 9.12
C GLN C 37 -38.65 -6.54 9.82
N LEU C 38 -38.70 -6.49 11.13
CA LEU C 38 -39.31 -7.53 11.94
C LEU C 38 -40.12 -6.86 13.04
N LYS C 39 -41.43 -6.96 12.91
CA LYS C 39 -42.38 -6.42 13.86
C LYS C 39 -42.73 -7.48 14.90
N PRO C 40 -43.10 -7.09 16.12
CA PRO C 40 -43.58 -8.09 17.07
C PRO C 40 -44.96 -8.61 16.68
N GLY C 41 -45.02 -9.81 16.14
CA GLY C 41 -46.29 -10.42 15.73
C GLY C 41 -46.26 -11.13 14.39
N ASN C 42 -45.19 -11.08 13.62
CA ASN C 42 -45.12 -11.77 12.34
C ASN C 42 -43.71 -12.32 12.15
N ILE C 43 -43.47 -12.85 10.94
CA ILE C 43 -42.13 -13.26 10.52
C ILE C 43 -41.41 -12.03 9.99
N PRO C 44 -40.08 -11.98 10.04
CA PRO C 44 -39.36 -10.85 9.44
C PRO C 44 -39.46 -10.84 7.92
N LYS C 45 -39.06 -9.71 7.34
CA LYS C 45 -39.08 -9.53 5.89
C LYS C 45 -37.76 -8.90 5.46
N LEU C 46 -37.44 -9.07 4.18
CA LEU C 46 -36.27 -8.46 3.57
C LEU C 46 -36.63 -7.27 2.70
N LEU C 47 -35.83 -6.22 2.81
CA LEU C 47 -36.08 -5.00 2.07
C LEU C 47 -34.96 -4.70 1.08
N ILE C 48 -33.73 -4.55 1.56
CA ILE C 48 -32.62 -3.97 0.80
C ILE C 48 -31.36 -4.77 1.08
N TYR C 49 -30.61 -5.11 0.03
CA TYR C 49 -29.26 -5.63 0.20
C TYR C 49 -28.29 -4.87 -0.69
N LYS C 50 -27.00 -5.03 -0.37
CA LYS C 50 -25.84 -4.29 -0.90
C LYS C 50 -25.84 -2.81 -0.52
N ALA C 51 -26.74 -2.42 0.39
CA ALA C 51 -27.14 -1.06 0.79
C ALA C 51 -27.85 -0.27 -0.31
N SER C 52 -28.05 -0.84 -1.49
CA SER C 52 -28.82 -0.14 -2.52
C SER C 52 -29.92 -0.96 -3.18
N ASN C 53 -29.68 -2.22 -3.51
CA ASN C 53 -30.61 -2.98 -4.32
C ASN C 53 -31.74 -3.51 -3.45
N LEU C 54 -32.97 -3.23 -3.85
CA LEU C 54 -34.09 -3.71 -3.07
C LEU C 54 -34.39 -5.16 -3.43
N HIS C 55 -34.94 -5.89 -2.46
CA HIS C 55 -35.18 -7.32 -2.58
C HIS C 55 -36.30 -7.58 -3.60
N THR C 56 -36.21 -8.73 -4.25
CA THR C 56 -37.17 -9.06 -5.30
C THR C 56 -38.49 -9.50 -4.68
N GLY C 57 -39.56 -8.78 -5.01
CA GLY C 57 -40.87 -9.00 -4.42
C GLY C 57 -41.35 -7.87 -3.54
N VAL C 58 -40.48 -6.94 -3.18
CA VAL C 58 -40.83 -5.74 -2.41
C VAL C 58 -41.63 -4.84 -3.34
N PRO C 59 -42.64 -4.12 -2.85
CA PRO C 59 -43.22 -3.03 -3.65
C PRO C 59 -42.18 -1.94 -3.89
N SER C 60 -42.18 -1.41 -5.12
CA SER C 60 -41.17 -0.46 -5.58
C SER C 60 -41.30 0.92 -4.93
N ARG C 61 -42.24 1.12 -4.02
CA ARG C 61 -42.38 2.36 -3.27
C ARG C 61 -41.19 2.63 -2.37
N PHE C 62 -40.50 1.59 -1.92
CA PHE C 62 -39.51 1.73 -0.87
C PHE C 62 -38.10 1.70 -1.44
N SER C 63 -37.21 2.52 -0.87
CA SER C 63 -35.86 2.65 -1.39
C SER C 63 -34.89 2.98 -0.26
N GLY C 64 -33.61 2.92 -0.59
CA GLY C 64 -32.53 3.35 0.29
C GLY C 64 -31.23 3.35 -0.47
N SER C 65 -30.25 4.07 0.07
CA SER C 65 -28.92 4.14 -0.52
C SER C 65 -27.92 4.61 0.53
N GLY C 66 -26.63 4.48 0.22
CA GLY C 66 -25.59 4.94 1.11
C GLY C 66 -24.28 4.17 1.00
N SER C 67 -23.19 4.77 1.48
CA SER C 67 -21.88 4.14 1.51
C SER C 67 -21.00 4.90 2.49
N GLY C 68 -19.92 4.26 2.92
CA GLY C 68 -19.02 4.88 3.89
C GLY C 68 -19.34 4.40 5.28
N THR C 69 -19.40 5.34 6.23
CA THR C 69 -19.89 5.05 7.58
C THR C 69 -21.22 5.72 7.87
N GLY C 70 -22.05 5.91 6.84
CA GLY C 70 -23.38 6.48 7.00
C GLY C 70 -24.32 5.94 5.96
N PHE C 71 -25.45 5.39 6.38
CA PHE C 71 -26.39 4.69 5.52
C PHE C 71 -27.79 5.12 5.91
N THR C 72 -28.71 5.10 4.95
CA THR C 72 -30.02 5.72 5.14
C THR C 72 -31.03 5.08 4.19
N LEU C 73 -32.22 4.76 4.68
CA LEU C 73 -33.30 4.35 3.78
C LEU C 73 -34.24 5.51 3.52
N THR C 74 -35.30 5.23 2.76
CA THR C 74 -36.31 6.22 2.44
C THR C 74 -37.66 5.51 2.34
N ILE C 75 -38.63 5.98 3.12
CA ILE C 75 -39.98 5.46 3.07
C ILE C 75 -40.96 6.62 3.09
N SER C 76 -41.84 6.66 2.09
CA SER C 76 -42.87 7.67 1.97
C SER C 76 -44.18 7.02 1.53
N SER C 77 -45.28 7.77 1.72
CA SER C 77 -46.65 7.35 1.42
C SER C 77 -46.99 6.05 2.16
N LEU C 78 -47.04 6.18 3.49
CA LEU C 78 -47.18 5.05 4.39
C LEU C 78 -48.53 4.35 4.23
N GLN C 79 -48.64 3.19 4.85
CA GLN C 79 -49.77 2.28 4.73
C GLN C 79 -50.12 1.76 6.12
N PRO C 80 -51.30 1.15 6.28
CA PRO C 80 -51.56 0.43 7.54
C PRO C 80 -50.65 -0.78 7.75
N GLU C 81 -50.17 -1.40 6.68
CA GLU C 81 -49.22 -2.50 6.79
C GLU C 81 -47.77 -2.04 6.82
N ASP C 82 -47.51 -0.76 7.07
CA ASP C 82 -46.16 -0.23 7.08
C ASP C 82 -45.55 -0.16 8.47
N ILE C 83 -46.37 -0.26 9.52
CA ILE C 83 -45.90 -0.02 10.88
C ILE C 83 -45.15 -1.26 11.36
N ALA C 84 -43.86 -1.09 11.65
CA ALA C 84 -43.01 -2.18 12.12
C ALA C 84 -41.80 -1.58 12.82
N SER C 85 -40.77 -2.40 13.04
CA SER C 85 -39.48 -1.95 13.51
C SER C 85 -38.41 -2.34 12.50
N TYR C 86 -37.33 -1.56 12.45
CA TYR C 86 -36.41 -1.54 11.31
C TYR C 86 -34.97 -1.67 11.79
N TYR C 87 -34.29 -2.73 11.34
CA TYR C 87 -32.94 -3.06 11.79
C TYR C 87 -31.95 -3.07 10.64
N CYS C 88 -30.70 -2.73 10.94
CA CYS C 88 -29.63 -2.69 9.96
C CYS C 88 -28.48 -3.58 10.40
N GLN C 89 -27.83 -4.24 9.45
CA GLN C 89 -26.82 -5.26 9.71
C GLN C 89 -25.55 -4.98 8.94
N GLN C 90 -24.41 -5.00 9.62
CA GLN C 90 -23.15 -4.85 8.93
C GLN C 90 -22.56 -6.23 8.62
N GLY C 91 -22.18 -6.41 7.35
CA GLY C 91 -21.71 -7.69 6.85
C GLY C 91 -20.24 -7.70 6.52
N GLN C 92 -19.50 -6.73 7.03
CA GLN C 92 -18.08 -6.60 6.74
C GLN C 92 -17.25 -7.61 7.53
N SER C 93 -17.23 -7.48 8.85
CA SER C 93 -16.30 -8.19 9.69
C SER C 93 -17.06 -8.97 10.76
N PHE C 94 -16.74 -10.26 10.89
CA PHE C 94 -17.39 -11.07 11.92
C PHE C 94 -16.93 -10.63 13.31
N PRO C 95 -17.81 -10.69 14.32
CA PRO C 95 -19.19 -11.21 14.38
C PRO C 95 -20.21 -10.27 13.78
N TYR C 96 -21.36 -10.81 13.37
CA TYR C 96 -22.46 -9.95 12.95
C TYR C 96 -22.94 -9.12 14.13
N THR C 97 -23.18 -7.84 13.88
CA THR C 97 -23.85 -6.97 14.82
C THR C 97 -25.08 -6.40 14.13
N PHE C 98 -26.14 -6.12 14.88
CA PHE C 98 -27.24 -5.35 14.32
C PHE C 98 -27.27 -3.98 15.01
N GLY C 99 -28.32 -3.21 14.72
CA GLY C 99 -28.49 -1.89 15.30
C GLY C 99 -29.49 -1.87 16.45
N GLY C 100 -29.76 -0.65 16.94
CA GLY C 100 -30.65 -0.50 18.08
C GLY C 100 -32.10 -0.80 17.73
N GLY C 101 -32.58 -0.27 16.62
CA GLY C 101 -33.96 -0.48 16.22
C GLY C 101 -34.82 0.75 16.41
N THR C 102 -35.55 1.13 15.37
CA THR C 102 -36.43 2.29 15.44
C THR C 102 -37.86 1.78 15.45
N LYS C 103 -38.74 2.53 16.12
CA LYS C 103 -40.12 2.12 16.29
C LYS C 103 -41.02 3.13 15.58
N LEU C 104 -41.88 2.64 14.70
CA LEU C 104 -42.65 3.50 13.82
C LEU C 104 -43.94 3.91 14.50
N GLU C 105 -44.19 5.21 14.53
CA GLU C 105 -45.18 5.81 15.43
C GLU C 105 -46.09 6.74 14.64
N ILE C 106 -47.35 6.78 15.04
CA ILE C 106 -48.35 7.67 14.44
C ILE C 106 -48.44 8.92 15.30
N LYS C 107 -48.28 10.08 14.67
CA LYS C 107 -48.37 11.36 15.38
C LYS C 107 -49.80 11.87 15.34
C1 NAG D . 13.93 -6.80 -19.19
C2 NAG D . 13.36 -8.12 -19.71
C3 NAG D . 12.86 -8.96 -18.56
C4 NAG D . 13.96 -9.19 -17.54
C5 NAG D . 14.53 -7.86 -17.07
C6 NAG D . 15.73 -8.00 -16.18
C7 NAG D . 12.24 -8.61 -21.83
C8 NAG D . 11.06 -8.34 -22.71
N2 NAG D . 12.30 -7.93 -20.69
O3 NAG D . 12.37 -10.21 -19.05
O4 NAG D . 13.45 -9.90 -16.41
O5 NAG D . 14.95 -7.08 -18.20
O6 NAG D . 16.31 -6.75 -15.82
O7 NAG D . 13.11 -9.42 -22.15
C1 NAG E . 37.62 9.55 8.58
C2 NAG E . 37.16 10.42 9.74
C3 NAG E . 36.10 9.68 10.55
C4 NAG E . 34.96 9.23 9.64
C5 NAG E . 35.49 8.46 8.42
C6 NAG E . 34.41 8.16 7.41
C7 NAG E . 39.15 10.16 11.25
C8 NAG E . 40.18 10.93 12.00
N2 NAG E . 38.26 10.89 10.57
O3 NAG E . 35.60 10.56 11.56
O4 NAG E . 34.05 8.41 10.36
O5 NAG E . 36.51 9.21 7.75
O6 NAG E . 34.09 6.78 7.37
O7 NAG E . 39.13 8.92 11.28
C1 NAG F . 53.52 34.35 20.45
C2 NAG F . 53.98 35.59 21.23
C3 NAG F . 53.05 35.86 22.41
C4 NAG F . 51.63 36.04 21.90
C5 NAG F . 51.20 34.79 21.12
C6 NAG F . 49.83 34.95 20.49
C7 NAG F . 55.94 34.65 22.49
C8 NAG F . 57.41 34.86 22.75
N2 NAG F . 55.38 35.54 21.65
O3 NAG F . 53.50 37.02 23.10
O4 NAG F . 50.75 36.26 22.99
O5 NAG F . 52.12 34.53 20.07
O6 NAG F . 49.68 36.25 19.93
O7 NAG F . 55.33 33.72 23.01
#